data_1IBW
#
_entry.id   1IBW
#
_cell.length_a   97.017
_cell.length_b   117.768
_cell.length_c   205.789
_cell.angle_alpha   90.00
_cell.angle_beta   90.00
_cell.angle_gamma   90.00
#
_symmetry.space_group_name_H-M   'C 2 2 21'
#
loop_
_entity.id
_entity.type
_entity.pdbx_description
1 polymer 'HISTIDINE DECARBOXYLASE BETA CHAIN'
2 polymer 'Histidine decarboxylase alpha chain'
3 non-polymer HISTIDINE-METHYL-ESTER
#
loop_
_entity_poly.entity_id
_entity_poly.type
_entity_poly.pdbx_seq_one_letter_code
_entity_poly.pdbx_strand_id
1 'polypeptide(L)'
;SELDAKLNKLGVDRIAISPYKQWTRGYMEPGNIGNGYVTGLKVDAGVRDKSDNNVLDGIVSYDRAETKNAYIGQINMTTA
S
;
A,C,E
2 'polypeptide(L)'
;(PYR)FTGVQGRVIGYDILRSPEVDKAKPLFTETQWDGSELPIYDAKPLQDALVEYFGTEQDRRHYPAPGSFIVCANKGV
TAERPKNDADMKPGQGYGVWSAIAISFAKDPTKDSSMFVEDAGVWETPNEDELLEYLEGRRKAMAKSIAECGQDAHASFE
SSWIGFAYTMMEPGQIGNAITVAPYVSLPIDSIPGGSILTPDKDMEIMENLTMPEWLEKMGYKSLSANNALKY
;
B,D,F
#
loop_
_chem_comp.id
_chem_comp.type
_chem_comp.name
_chem_comp.formula
PYR non-polymer 'PYRUVIC ACID' 'C3 H4 O3'
#
# COMPACT_ATOMS: atom_id res chain seq x y z
N SER A 1 12.85 -25.52 -12.56
CA SER A 1 14.16 -25.75 -13.20
C SER A 1 15.24 -26.01 -12.15
N GLU A 2 16.45 -26.27 -12.62
CA GLU A 2 17.60 -26.54 -11.77
C GLU A 2 17.70 -25.52 -10.62
N LEU A 3 17.11 -24.36 -10.82
CA LEU A 3 17.13 -23.35 -9.80
C LEU A 3 16.22 -23.69 -8.63
N ASP A 4 14.93 -23.89 -8.91
CA ASP A 4 13.93 -24.20 -7.89
C ASP A 4 14.49 -25.23 -6.94
N ALA A 5 15.19 -26.22 -7.52
CA ALA A 5 15.81 -27.31 -6.78
C ALA A 5 16.72 -26.85 -5.64
N LYS A 6 17.30 -25.66 -5.78
CA LYS A 6 18.16 -25.08 -4.73
C LYS A 6 17.32 -24.30 -3.74
N LEU A 7 16.21 -23.73 -4.21
CA LEU A 7 15.34 -22.95 -3.34
C LEU A 7 14.52 -23.82 -2.43
N ASN A 8 14.02 -24.91 -2.98
CA ASN A 8 13.20 -25.86 -2.25
C ASN A 8 13.92 -26.40 -1.03
N LYS A 9 15.24 -26.30 -1.03
CA LYS A 9 16.01 -26.76 0.09
C LYS A 9 16.14 -25.67 1.13
N LEU A 10 15.81 -24.44 0.75
CA LEU A 10 15.85 -23.30 1.64
C LEU A 10 14.47 -23.04 2.20
N GLY A 11 13.49 -23.70 1.59
CA GLY A 11 12.11 -23.56 2.02
C GLY A 11 11.33 -22.66 1.09
N VAL A 12 11.95 -22.28 -0.01
CA VAL A 12 11.30 -21.40 -0.94
C VAL A 12 10.76 -22.17 -2.12
N ASP A 13 9.60 -21.77 -2.59
CA ASP A 13 8.97 -22.37 -3.76
C ASP A 13 8.44 -21.19 -4.54
N ARG A 14 8.27 -21.34 -5.84
CA ARG A 14 7.78 -20.25 -6.67
C ARG A 14 6.53 -20.64 -7.44
N ILE A 15 5.66 -21.39 -6.79
CA ILE A 15 4.44 -21.81 -7.43
C ILE A 15 3.46 -20.72 -7.14
N ALA A 16 2.74 -20.26 -8.15
CA ALA A 16 1.77 -19.19 -7.99
C ALA A 16 0.60 -19.51 -8.90
N ILE A 17 -0.45 -20.08 -8.32
CA ILE A 17 -1.60 -20.46 -9.11
C ILE A 17 -2.85 -19.75 -8.65
N SER A 18 -3.71 -19.45 -9.62
CA SER A 18 -4.95 -18.78 -9.38
C SER A 18 -6.07 -19.78 -9.57
N PRO A 19 -6.86 -20.00 -8.53
CA PRO A 19 -7.98 -20.93 -8.57
C PRO A 19 -9.10 -20.46 -9.46
N TYR A 20 -8.96 -19.26 -10.01
CA TYR A 20 -10.00 -18.72 -10.87
C TYR A 20 -9.88 -19.21 -12.28
N LYS A 21 -10.98 -19.15 -13.01
CA LYS A 21 -10.99 -19.55 -14.39
C LYS A 21 -10.65 -18.35 -15.26
N GLN A 22 -9.56 -18.48 -16.02
CA GLN A 22 -9.08 -17.45 -16.94
C GLN A 22 -8.39 -16.25 -16.34
N TRP A 23 -8.84 -15.80 -15.18
CA TRP A 23 -8.24 -14.63 -14.54
C TRP A 23 -7.01 -14.85 -13.70
N THR A 24 -6.15 -13.84 -13.72
CA THR A 24 -4.91 -13.85 -12.95
C THR A 24 -5.30 -13.23 -11.62
N ARG A 25 -4.52 -13.46 -10.57
CA ARG A 25 -4.84 -12.91 -9.28
C ARG A 25 -3.64 -12.27 -8.64
N GLY A 26 -3.91 -11.36 -7.71
CA GLY A 26 -2.85 -10.67 -7.02
C GLY A 26 -2.14 -11.52 -6.01
N TYR A 27 -0.83 -11.36 -5.92
CA TYR A 27 -0.03 -12.10 -4.98
C TYR A 27 -0.55 -11.71 -3.61
N MET A 28 -0.64 -12.69 -2.72
CA MET A 28 -1.14 -12.52 -1.36
C MET A 28 -2.63 -12.69 -1.22
N GLU A 29 -3.38 -12.56 -2.33
CA GLU A 29 -4.82 -12.76 -2.28
C GLU A 29 -5.04 -14.20 -1.80
N PRO A 30 -6.05 -14.42 -0.94
CA PRO A 30 -6.35 -15.75 -0.40
C PRO A 30 -6.80 -16.71 -1.49
N GLY A 31 -6.73 -18.01 -1.22
CA GLY A 31 -7.15 -19.00 -2.22
C GLY A 31 -6.15 -19.26 -3.34
N ASN A 32 -5.07 -18.50 -3.38
CA ASN A 32 -4.06 -18.72 -4.40
C ASN A 32 -3.25 -19.94 -3.96
N ILE A 33 -2.66 -20.65 -4.91
CA ILE A 33 -1.90 -21.80 -4.55
C ILE A 33 -0.45 -21.59 -4.84
N GLY A 34 0.40 -21.93 -3.87
CA GLY A 34 1.83 -21.76 -4.04
C GLY A 34 2.31 -20.54 -3.29
N ASN A 35 3.61 -20.48 -3.00
CA ASN A 35 4.16 -19.35 -2.27
C ASN A 35 5.08 -18.46 -3.09
N GLY A 36 4.81 -18.33 -4.38
CA GLY A 36 5.63 -17.49 -5.23
C GLY A 36 4.84 -16.43 -5.94
N TYR A 37 5.43 -15.84 -6.99
CA TYR A 37 4.77 -14.81 -7.75
C TYR A 37 5.39 -14.64 -9.13
N VAL A 38 4.57 -14.21 -10.09
CA VAL A 38 5.03 -13.97 -11.44
C VAL A 38 4.87 -12.46 -11.61
N THR A 39 5.84 -11.81 -12.24
CA THR A 39 5.77 -10.37 -12.43
C THR A 39 6.03 -9.98 -13.89
N GLY A 40 5.67 -8.76 -14.25
CA GLY A 40 5.86 -8.28 -15.62
C GLY A 40 6.14 -6.79 -15.74
N LEU A 41 6.38 -6.30 -16.94
CA LEU A 41 6.70 -4.89 -17.14
C LEU A 41 5.66 -4.12 -17.94
N LYS A 42 4.92 -3.21 -17.31
CA LYS A 42 3.93 -2.41 -18.06
C LYS A 42 4.18 -0.95 -17.91
N VAL A 43 4.37 -0.28 -19.03
CA VAL A 43 4.59 1.14 -19.05
C VAL A 43 3.65 1.66 -20.11
N ASP A 44 2.87 2.67 -19.76
CA ASP A 44 1.89 3.25 -20.65
C ASP A 44 1.50 4.62 -20.14
N ALA A 45 0.73 5.34 -20.95
CA ALA A 45 0.28 6.66 -20.57
C ALA A 45 -1.04 7.03 -21.25
N GLY A 46 -1.85 7.82 -20.56
CA GLY A 46 -3.14 8.24 -21.08
C GLY A 46 -3.48 9.68 -20.72
N VAL A 47 -4.39 10.28 -21.50
CA VAL A 47 -4.80 11.67 -21.32
C VAL A 47 -6.30 11.91 -21.20
N ARG A 48 -6.67 12.99 -20.52
CA ARG A 48 -8.07 13.36 -20.35
C ARG A 48 -8.21 14.89 -20.43
N ASP A 49 -9.31 15.36 -21.01
CA ASP A 49 -9.56 16.79 -21.16
C ASP A 49 -9.74 17.50 -19.83
N LYS A 50 -8.80 18.41 -19.57
CA LYS A 50 -8.75 19.17 -18.33
C LYS A 50 -10.02 19.82 -17.83
N SER A 51 -10.59 19.28 -16.76
CA SER A 51 -11.75 19.89 -16.15
C SER A 51 -11.08 20.62 -14.98
N ASP A 52 -11.85 21.03 -14.00
CA ASP A 52 -11.30 21.74 -12.84
C ASP A 52 -10.87 20.74 -11.77
N ASN A 53 -11.62 19.64 -11.68
CA ASN A 53 -11.39 18.56 -10.70
C ASN A 53 -10.14 17.73 -10.96
N ASN A 54 -8.98 18.23 -10.49
CA ASN A 54 -7.67 17.58 -10.65
C ASN A 54 -7.65 16.09 -10.40
N VAL A 55 -8.08 15.72 -9.20
CA VAL A 55 -8.15 14.33 -8.79
C VAL A 55 -8.82 13.56 -9.91
N LEU A 56 -10.10 13.85 -10.16
CA LEU A 56 -10.85 13.16 -11.20
C LEU A 56 -10.12 13.13 -12.56
N ASP A 57 -9.40 14.21 -12.87
CA ASP A 57 -8.67 14.27 -14.13
C ASP A 57 -7.62 13.17 -14.09
N GLY A 58 -6.98 13.04 -12.94
CA GLY A 58 -5.96 12.01 -12.76
C GLY A 58 -6.51 10.59 -12.73
N ILE A 59 -7.60 10.39 -11.98
CA ILE A 59 -8.28 9.10 -11.86
C ILE A 59 -8.54 8.58 -13.25
N VAL A 60 -9.15 9.42 -14.09
CA VAL A 60 -9.48 9.03 -15.45
C VAL A 60 -8.25 8.76 -16.33
N SER A 61 -7.26 9.65 -16.29
CA SER A 61 -6.07 9.48 -17.11
C SER A 61 -5.45 8.13 -16.74
N TYR A 62 -5.37 7.89 -15.43
CA TYR A 62 -4.84 6.65 -14.85
C TYR A 62 -5.67 5.47 -15.40
N ASP A 63 -6.99 5.60 -15.34
CA ASP A 63 -7.88 4.56 -15.82
C ASP A 63 -7.64 4.25 -17.30
N ARG A 64 -7.54 5.29 -18.10
CA ARG A 64 -7.29 5.12 -19.53
C ARG A 64 -5.92 4.52 -19.77
N ALA A 65 -5.01 4.77 -18.85
CA ALA A 65 -3.67 4.21 -19.00
C ALA A 65 -3.67 2.71 -18.65
N GLU A 66 -4.32 2.35 -17.54
CA GLU A 66 -4.39 0.94 -17.13
C GLU A 66 -5.01 0.14 -18.29
N THR A 67 -6.11 0.66 -18.85
CA THR A 67 -6.85 0.05 -19.97
C THR A 67 -6.08 -0.04 -21.31
N LYS A 68 -5.12 0.84 -21.49
CA LYS A 68 -4.31 0.86 -22.70
C LYS A 68 -3.39 -0.36 -22.77
N ASN A 69 -3.23 -0.89 -23.97
CA ASN A 69 -2.35 -2.04 -24.20
C ASN A 69 -2.55 -3.23 -23.27
N ALA A 70 -1.52 -3.56 -22.49
CA ALA A 70 -1.58 -4.68 -21.55
C ALA A 70 -2.67 -4.29 -20.58
N TYR A 71 -3.82 -4.93 -20.72
CA TYR A 71 -4.99 -4.64 -19.90
C TYR A 71 -5.00 -5.09 -18.44
N ILE A 72 -5.01 -4.12 -17.53
CA ILE A 72 -5.09 -4.42 -16.10
C ILE A 72 -6.29 -3.68 -15.59
N GLY A 73 -7.37 -3.81 -16.34
CA GLY A 73 -8.64 -3.18 -16.07
C GLY A 73 -9.08 -2.76 -14.68
N GLN A 74 -10.18 -3.35 -14.24
CA GLN A 74 -10.77 -3.01 -12.96
C GLN A 74 -10.04 -3.58 -11.77
N ILE A 75 -8.82 -3.11 -11.59
CA ILE A 75 -7.94 -3.59 -10.54
C ILE A 75 -7.73 -2.63 -9.37
N ASN A 76 -7.71 -3.19 -8.16
CA ASN A 76 -7.43 -2.41 -6.97
C ASN A 76 -5.91 -2.51 -6.91
N MET A 77 -5.22 -1.42 -7.20
CA MET A 77 -3.77 -1.45 -7.22
C MET A 77 -3.10 -1.01 -5.93
N THR A 78 -2.36 -1.93 -5.35
CA THR A 78 -1.62 -1.66 -4.13
C THR A 78 -0.27 -1.17 -4.62
N THR A 79 0.50 -0.54 -3.75
CA THR A 79 1.79 -0.02 -4.17
C THR A 79 2.93 -0.48 -3.29
N ALA A 80 4.00 -0.93 -3.92
CA ALA A 80 5.18 -1.37 -3.20
C ALA A 80 6.35 -0.63 -3.77
N SER A 81 7.39 -0.45 -2.97
CA SER A 81 8.57 0.28 -3.44
C SER A 81 9.85 -0.06 -2.69
C PYR B 1 12.23 -3.78 -6.66
O PYR B 1 13.14 -3.75 -7.47
CA PYR B 1 11.63 -2.55 -6.35
CB PYR B 1 10.51 -2.49 -5.34
N PHE B 2 11.81 -4.92 -6.12
CA PHE B 2 12.46 -6.21 -6.41
C PHE B 2 11.59 -7.41 -6.82
N THR B 3 12.27 -8.44 -7.31
CA THR B 3 11.66 -9.70 -7.75
C THR B 3 12.71 -10.79 -7.51
N GLY B 4 12.70 -11.34 -6.30
CA GLY B 4 13.69 -12.34 -5.94
C GLY B 4 13.31 -13.81 -5.97
N VAL B 5 13.86 -14.53 -5.00
CA VAL B 5 13.64 -15.96 -4.83
C VAL B 5 12.25 -16.47 -5.14
N GLN B 6 11.22 -15.69 -4.85
CA GLN B 6 9.88 -16.17 -5.10
C GLN B 6 9.34 -15.77 -6.44
N GLY B 7 10.20 -15.40 -7.38
CA GLY B 7 9.65 -14.96 -8.65
C GLY B 7 10.23 -15.33 -9.99
N ARG B 8 9.41 -15.10 -11.01
CA ARG B 8 9.75 -15.35 -12.42
C ARG B 8 9.15 -14.19 -13.22
N VAL B 9 9.70 -13.91 -14.39
CA VAL B 9 9.22 -12.83 -15.23
C VAL B 9 8.61 -13.29 -16.53
N ILE B 10 7.40 -12.82 -16.82
CA ILE B 10 6.74 -13.19 -18.06
C ILE B 10 7.60 -12.76 -19.23
N GLY B 11 7.78 -13.67 -20.18
CA GLY B 11 8.59 -13.38 -21.34
C GLY B 11 10.03 -13.78 -21.13
N TYR B 12 10.52 -13.72 -19.89
CA TYR B 12 11.90 -14.10 -19.66
C TYR B 12 12.02 -15.51 -19.09
N ASP B 13 11.74 -15.66 -17.80
CA ASP B 13 11.81 -16.96 -17.14
C ASP B 13 10.73 -17.90 -17.66
N ILE B 14 9.54 -17.36 -17.89
CA ILE B 14 8.46 -18.16 -18.44
C ILE B 14 7.97 -17.51 -19.70
N LEU B 15 7.38 -18.30 -20.59
CA LEU B 15 6.86 -17.79 -21.85
C LEU B 15 7.90 -16.95 -22.58
N ARG B 16 9.15 -17.37 -22.48
CA ARG B 16 10.25 -16.65 -23.09
C ARG B 16 10.07 -16.29 -24.57
N SER B 17 10.27 -15.01 -24.89
CA SER B 17 10.18 -14.54 -26.28
C SER B 17 11.60 -14.53 -26.84
N PRO B 18 11.83 -15.27 -27.94
CA PRO B 18 13.12 -15.39 -28.62
C PRO B 18 13.87 -14.08 -28.78
N GLU B 19 13.12 -12.98 -28.82
CA GLU B 19 13.72 -11.66 -28.95
C GLU B 19 14.88 -11.47 -28.00
N VAL B 20 14.85 -12.21 -26.90
CA VAL B 20 15.89 -12.13 -25.90
C VAL B 20 17.19 -12.70 -26.45
N ASP B 21 17.14 -13.93 -26.97
CA ASP B 21 18.34 -14.58 -27.51
C ASP B 21 18.65 -14.14 -28.94
N LYS B 22 18.36 -12.87 -29.23
CA LYS B 22 18.59 -12.27 -30.54
C LYS B 22 18.86 -10.76 -30.38
N ALA B 23 18.72 -10.27 -29.15
CA ALA B 23 18.93 -8.85 -28.86
C ALA B 23 20.40 -8.52 -28.58
N LYS B 24 20.80 -7.30 -28.89
CA LYS B 24 22.18 -6.87 -28.67
C LYS B 24 22.17 -5.70 -27.71
N PRO B 25 23.17 -5.62 -26.81
CA PRO B 25 23.30 -4.55 -25.82
C PRO B 25 23.45 -3.17 -26.45
N LEU B 26 22.80 -2.19 -25.83
CA LEU B 26 22.88 -0.81 -26.29
C LEU B 26 24.18 -0.20 -25.80
N PHE B 27 24.70 -0.75 -24.70
CA PHE B 27 25.98 -0.32 -24.10
C PHE B 27 26.18 -1.08 -22.80
N THR B 28 27.25 -0.79 -22.08
CA THR B 28 27.48 -1.47 -20.82
C THR B 28 27.80 -0.50 -19.71
N GLU B 29 27.66 -0.97 -18.47
CA GLU B 29 27.93 -0.17 -17.28
C GLU B 29 28.83 -1.02 -16.40
N THR B 30 29.81 -0.38 -15.80
CA THR B 30 30.74 -1.05 -14.92
C THR B 30 30.16 -1.28 -13.53
N GLN B 31 29.97 -2.54 -13.17
CA GLN B 31 29.43 -2.88 -11.87
C GLN B 31 30.56 -2.81 -10.84
N TRP B 32 30.22 -2.60 -9.58
CA TRP B 32 31.23 -2.48 -8.53
C TRP B 32 32.23 -3.64 -8.56
N ASP B 33 31.72 -4.84 -8.75
CA ASP B 33 32.56 -6.04 -8.81
C ASP B 33 33.56 -6.03 -10.00
N GLY B 34 33.46 -5.04 -10.87
CA GLY B 34 34.36 -4.94 -12.00
C GLY B 34 33.87 -5.55 -13.30
N SER B 35 32.67 -6.12 -13.32
CA SER B 35 32.19 -6.71 -14.57
C SER B 35 31.22 -5.77 -15.24
N GLU B 36 30.97 -5.98 -16.53
CA GLU B 36 30.06 -5.14 -17.26
C GLU B 36 28.63 -5.63 -17.10
N LEU B 37 27.69 -4.70 -17.30
CA LEU B 37 26.28 -5.02 -17.21
C LEU B 37 25.62 -4.55 -18.49
N PRO B 38 25.47 -5.45 -19.47
CA PRO B 38 24.83 -5.05 -20.74
C PRO B 38 23.40 -4.52 -20.55
N ILE B 39 23.01 -3.57 -21.38
CA ILE B 39 21.69 -2.99 -21.27
C ILE B 39 20.92 -3.23 -22.55
N TYR B 40 19.67 -3.68 -22.45
CA TYR B 40 18.87 -3.93 -23.62
C TYR B 40 17.58 -3.15 -23.52
N ASP B 41 16.93 -2.94 -24.67
CA ASP B 41 15.66 -2.24 -24.68
C ASP B 41 14.68 -3.32 -24.27
N ALA B 42 13.88 -3.04 -23.24
CA ALA B 42 12.92 -4.01 -22.72
C ALA B 42 11.70 -4.32 -23.60
N LYS B 43 11.73 -3.87 -24.86
CA LYS B 43 10.61 -4.10 -25.77
C LYS B 43 10.02 -5.51 -25.74
N PRO B 44 10.86 -6.57 -25.84
CA PRO B 44 10.38 -7.96 -25.81
C PRO B 44 9.49 -8.25 -24.62
N LEU B 45 10.02 -8.02 -23.43
CA LEU B 45 9.30 -8.27 -22.20
C LEU B 45 7.98 -7.52 -22.11
N GLN B 46 7.98 -6.29 -22.62
CA GLN B 46 6.77 -5.47 -22.61
C GLN B 46 5.73 -6.09 -23.50
N ASP B 47 6.11 -6.41 -24.73
CA ASP B 47 5.19 -7.03 -25.68
C ASP B 47 4.66 -8.34 -25.11
N ALA B 48 5.54 -9.12 -24.49
CA ALA B 48 5.19 -10.40 -23.90
C ALA B 48 3.97 -10.30 -22.99
N LEU B 49 4.05 -9.42 -21.99
CA LEU B 49 2.96 -9.23 -21.04
C LEU B 49 1.66 -8.96 -21.78
N VAL B 50 1.76 -8.18 -22.84
CA VAL B 50 0.59 -7.84 -23.63
C VAL B 50 -0.06 -9.11 -24.18
N GLU B 51 0.74 -10.03 -24.68
CA GLU B 51 0.22 -11.28 -25.23
C GLU B 51 -0.60 -12.04 -24.19
N TYR B 52 -0.05 -12.11 -22.98
CA TYR B 52 -0.69 -12.84 -21.88
C TYR B 52 -2.00 -12.27 -21.35
N PHE B 53 -1.97 -11.02 -20.93
CA PHE B 53 -3.16 -10.37 -20.40
C PHE B 53 -4.22 -10.10 -21.45
N GLY B 54 -3.76 -9.68 -22.62
CA GLY B 54 -4.67 -9.35 -23.69
C GLY B 54 -4.89 -7.85 -23.63
N THR B 55 -5.79 -7.35 -24.47
CA THR B 55 -6.07 -5.92 -24.47
C THR B 55 -7.53 -5.73 -24.13
N GLU B 56 -7.97 -4.49 -24.06
CA GLU B 56 -9.37 -4.21 -23.76
C GLU B 56 -10.25 -4.91 -24.79
N GLN B 57 -9.78 -4.98 -26.04
CA GLN B 57 -10.54 -5.61 -27.12
C GLN B 57 -10.35 -7.12 -27.19
N ASP B 58 -9.11 -7.54 -27.33
CA ASP B 58 -8.78 -8.97 -27.38
C ASP B 58 -8.29 -9.31 -25.98
N ARG B 59 -9.24 -9.46 -25.05
CA ARG B 59 -8.93 -9.77 -23.63
C ARG B 59 -8.50 -11.22 -23.45
N ARG B 60 -7.54 -11.44 -22.57
CA ARG B 60 -7.06 -12.78 -22.33
C ARG B 60 -6.95 -13.14 -20.86
N HIS B 61 -5.74 -13.25 -20.34
CA HIS B 61 -5.59 -13.61 -18.94
C HIS B 61 -5.32 -12.44 -18.03
N TYR B 62 -6.24 -11.48 -18.09
CA TYR B 62 -6.13 -10.30 -17.28
C TYR B 62 -6.59 -10.59 -15.85
N PRO B 63 -6.28 -9.69 -14.91
CA PRO B 63 -6.67 -9.87 -13.52
C PRO B 63 -8.19 -9.83 -13.30
N ALA B 64 -8.64 -10.66 -12.37
CA ALA B 64 -10.05 -10.76 -12.04
C ALA B 64 -10.60 -9.40 -11.70
N PRO B 65 -11.81 -9.11 -12.16
CA PRO B 65 -12.47 -7.84 -11.88
C PRO B 65 -12.60 -7.56 -10.39
N GLY B 66 -11.86 -6.56 -9.93
CA GLY B 66 -11.94 -6.21 -8.53
C GLY B 66 -10.91 -6.88 -7.68
N SER B 67 -9.94 -7.52 -8.30
CA SER B 67 -8.88 -8.20 -7.57
C SER B 67 -7.94 -7.16 -7.02
N PHE B 68 -7.03 -7.58 -6.16
CA PHE B 68 -6.07 -6.68 -5.58
C PHE B 68 -4.71 -7.04 -6.09
N ILE B 69 -4.23 -6.34 -7.10
CA ILE B 69 -2.93 -6.66 -7.62
C ILE B 69 -1.91 -5.71 -7.05
N VAL B 70 -0.96 -6.26 -6.32
CA VAL B 70 0.08 -5.42 -5.78
C VAL B 70 1.04 -5.16 -6.94
N CYS B 71 1.48 -3.91 -7.06
CA CYS B 71 2.38 -3.52 -8.12
C CYS B 71 3.49 -2.62 -7.65
N ALA B 72 4.68 -2.87 -8.16
CA ALA B 72 5.81 -2.02 -7.84
C ALA B 72 5.54 -1.00 -8.93
N ASN B 73 5.12 0.20 -8.54
CA ASN B 73 4.80 1.21 -9.55
C ASN B 73 5.07 2.63 -9.11
N LYS B 74 4.94 3.52 -10.09
CA LYS B 74 5.12 4.97 -9.94
C LYS B 74 4.48 5.60 -11.15
N GLY B 75 4.25 6.89 -11.10
CA GLY B 75 3.63 7.57 -12.23
C GLY B 75 3.86 9.06 -12.20
N VAL B 76 3.22 9.76 -13.13
CA VAL B 76 3.37 11.19 -13.22
C VAL B 76 2.23 11.82 -14.01
N THR B 77 1.80 12.98 -13.56
CA THR B 77 0.72 13.68 -14.22
C THR B 77 1.06 15.15 -14.39
N ALA B 78 0.81 15.65 -15.59
CA ALA B 78 1.10 17.06 -15.89
C ALA B 78 0.05 17.68 -16.83
N GLU B 79 -0.02 19.02 -16.80
CA GLU B 79 -0.96 19.77 -17.64
C GLU B 79 -0.28 20.52 -18.79
N ARG B 80 -0.91 20.42 -19.94
CA ARG B 80 -0.47 21.08 -21.16
C ARG B 80 -1.70 21.97 -21.43
N PRO B 81 -1.59 23.29 -21.16
CA PRO B 81 -2.72 24.22 -21.35
C PRO B 81 -3.02 24.54 -22.81
N LYS B 82 -4.01 25.41 -23.02
CA LYS B 82 -4.43 25.81 -24.38
C LYS B 82 -3.47 26.86 -24.97
N ASN B 83 -2.38 26.36 -25.55
CA ASN B 83 -1.32 27.18 -26.18
C ASN B 83 -0.50 27.96 -25.13
N ASP B 84 -1.24 28.74 -24.33
CA ASP B 84 -0.75 29.56 -23.23
C ASP B 84 0.77 29.57 -22.97
N ALA B 85 1.40 30.70 -23.28
CA ALA B 85 2.84 30.88 -23.08
C ALA B 85 3.18 30.73 -21.62
N ASP B 86 2.33 31.27 -20.74
CA ASP B 86 2.57 31.12 -19.30
C ASP B 86 2.23 29.65 -19.02
N MET B 87 3.28 28.83 -18.93
CA MET B 87 3.10 27.40 -18.71
C MET B 87 3.32 26.96 -17.26
N LYS B 88 2.83 27.78 -16.33
CA LYS B 88 2.91 27.49 -14.88
C LYS B 88 4.15 26.65 -14.47
N PRO B 89 4.10 25.93 -13.32
CA PRO B 89 5.33 25.18 -13.02
C PRO B 89 5.35 23.72 -13.52
N GLY B 90 4.48 22.87 -12.95
CA GLY B 90 4.44 21.48 -13.37
C GLY B 90 3.59 21.24 -14.60
N GLN B 91 3.96 21.90 -15.70
CA GLN B 91 3.19 21.73 -16.93
C GLN B 91 4.21 21.39 -18.02
N GLY B 92 3.72 20.89 -19.14
CA GLY B 92 4.59 20.53 -20.24
C GLY B 92 3.79 20.11 -21.45
N TYR B 93 4.49 19.69 -22.51
CA TYR B 93 3.82 19.25 -23.73
C TYR B 93 3.63 17.73 -23.82
N GLY B 94 4.39 17.01 -23.01
CA GLY B 94 4.30 15.56 -23.02
C GLY B 94 4.76 14.99 -21.68
N VAL B 95 4.51 13.70 -21.48
CA VAL B 95 4.90 13.04 -20.23
C VAL B 95 5.44 11.64 -20.53
N TRP B 96 6.38 11.17 -19.71
CA TRP B 96 7.00 9.87 -19.92
C TRP B 96 7.24 9.07 -18.65
N SER B 97 7.38 7.76 -18.83
CA SER B 97 7.64 6.81 -17.75
C SER B 97 8.65 5.75 -18.26
N ALA B 98 9.46 5.22 -17.36
CA ALA B 98 10.47 4.25 -17.71
C ALA B 98 10.56 3.14 -16.67
N ILE B 99 10.98 1.95 -17.09
CA ILE B 99 11.10 0.81 -16.19
C ILE B 99 12.29 -0.06 -16.55
N ALA B 100 12.95 -0.58 -15.53
CA ALA B 100 14.12 -1.43 -15.74
C ALA B 100 14.10 -2.66 -14.84
N ILE B 101 14.48 -3.78 -15.42
CA ILE B 101 14.56 -5.03 -14.68
C ILE B 101 15.97 -5.57 -14.81
N SER B 102 16.62 -5.78 -13.68
CA SER B 102 17.97 -6.29 -13.66
C SER B 102 17.96 -7.63 -12.94
N PHE B 103 18.42 -8.67 -13.63
CA PHE B 103 18.47 -10.02 -13.05
C PHE B 103 19.81 -10.23 -12.39
N ALA B 104 19.80 -10.81 -11.19
CA ALA B 104 21.05 -11.07 -10.49
C ALA B 104 21.73 -12.29 -11.10
N LYS B 105 23.05 -12.34 -11.02
CA LYS B 105 23.80 -13.48 -11.55
C LYS B 105 23.44 -14.69 -10.70
N ASP B 106 23.38 -14.49 -9.38
CA ASP B 106 23.01 -15.56 -8.47
C ASP B 106 21.72 -15.26 -7.71
N PRO B 107 20.58 -15.67 -8.27
CA PRO B 107 19.27 -15.46 -7.67
C PRO B 107 19.11 -16.05 -6.28
N THR B 108 20.06 -16.87 -5.80
CA THR B 108 19.90 -17.46 -4.47
C THR B 108 20.36 -16.58 -3.33
N LYS B 109 21.07 -15.50 -3.66
CA LYS B 109 21.54 -14.57 -2.64
C LYS B 109 20.90 -13.23 -2.95
N ASP B 110 21.08 -12.81 -4.20
CA ASP B 110 20.58 -11.53 -4.64
C ASP B 110 19.26 -11.64 -5.37
N SER B 111 18.38 -10.69 -5.08
CA SER B 111 17.08 -10.61 -5.71
C SER B 111 17.28 -9.82 -6.97
N SER B 112 16.47 -10.11 -7.97
CA SER B 112 16.54 -9.33 -9.21
C SER B 112 15.86 -8.00 -8.87
N MET B 113 16.27 -6.92 -9.53
CA MET B 113 15.73 -5.62 -9.19
C MET B 113 15.11 -4.73 -10.26
N PHE B 114 14.03 -4.07 -9.87
CA PHE B 114 13.29 -3.14 -10.70
C PHE B 114 13.73 -1.74 -10.33
N VAL B 115 13.76 -0.87 -11.33
CA VAL B 115 14.13 0.53 -11.17
C VAL B 115 13.24 1.26 -12.14
N GLU B 116 12.32 2.08 -11.63
CA GLU B 116 11.42 2.82 -12.50
C GLU B 116 11.72 4.33 -12.40
N ASP B 117 11.13 5.10 -13.32
CA ASP B 117 11.28 6.55 -13.37
C ASP B 117 10.17 7.10 -14.26
N ALA B 118 9.92 8.39 -14.15
CA ALA B 118 8.90 9.08 -14.95
C ALA B 118 9.19 10.58 -14.90
N GLY B 119 8.56 11.33 -15.81
CA GLY B 119 8.79 12.75 -15.80
C GLY B 119 7.96 13.45 -16.85
N VAL B 120 8.04 14.77 -16.83
CA VAL B 120 7.32 15.63 -17.75
C VAL B 120 8.28 16.12 -18.83
N TRP B 121 7.74 16.35 -20.02
CA TRP B 121 8.56 16.82 -21.12
C TRP B 121 8.27 18.30 -21.41
N GLU B 122 9.32 19.05 -21.76
CA GLU B 122 9.18 20.48 -22.01
C GLU B 122 9.12 21.01 -23.45
N THR B 123 9.66 20.30 -24.43
CA THR B 123 9.61 20.84 -25.79
C THR B 123 8.61 20.03 -26.58
N PRO B 124 7.72 20.70 -27.33
CA PRO B 124 6.70 20.01 -28.15
C PRO B 124 7.34 19.15 -29.24
N ASN B 125 8.67 19.25 -29.35
CA ASN B 125 9.41 18.48 -30.32
C ASN B 125 9.55 17.02 -29.86
N GLU B 126 8.55 16.21 -30.20
CA GLU B 126 8.54 14.80 -29.82
C GLU B 126 9.84 14.14 -30.23
N ASP B 127 10.20 14.37 -31.49
CA ASP B 127 11.42 13.83 -32.08
C ASP B 127 12.59 14.05 -31.15
N GLU B 128 12.65 15.25 -30.55
CA GLU B 128 13.68 15.57 -29.59
C GLU B 128 13.52 14.61 -28.40
N LEU B 129 12.35 14.68 -27.77
CA LEU B 129 12.01 13.86 -26.61
C LEU B 129 12.71 12.52 -26.59
N LEU B 130 12.59 11.77 -27.68
CA LEU B 130 13.19 10.46 -27.78
C LEU B 130 14.69 10.49 -27.42
N GLU B 131 15.40 11.47 -27.95
CA GLU B 131 16.82 11.63 -27.68
C GLU B 131 17.07 11.66 -26.17
N TYR B 132 16.25 12.44 -25.47
CA TYR B 132 16.35 12.53 -24.01
C TYR B 132 16.33 11.10 -23.43
N LEU B 133 15.27 10.36 -23.76
CA LEU B 133 15.07 9.00 -23.28
C LEU B 133 16.28 8.15 -23.65
N GLU B 134 16.63 8.17 -24.93
CA GLU B 134 17.78 7.43 -25.45
C GLU B 134 19.03 7.66 -24.57
N GLY B 135 19.01 8.77 -23.82
CA GLY B 135 20.12 9.06 -22.93
C GLY B 135 19.81 8.58 -21.51
N ARG B 136 18.57 8.76 -21.11
CA ARG B 136 18.10 8.38 -19.76
C ARG B 136 18.58 7.02 -19.32
N ARG B 137 18.61 6.06 -20.25
CA ARG B 137 19.10 4.72 -19.92
C ARG B 137 20.40 4.85 -19.13
N LYS B 138 21.37 5.52 -19.73
CA LYS B 138 22.68 5.73 -19.09
C LYS B 138 22.50 6.23 -17.69
N ALA B 139 21.51 7.11 -17.52
CA ALA B 139 21.20 7.69 -16.21
C ALA B 139 20.76 6.60 -15.24
N MET B 140 19.81 5.78 -15.69
CA MET B 140 19.31 4.72 -14.86
C MET B 140 20.41 3.69 -14.59
N ALA B 141 21.09 3.25 -15.64
CA ALA B 141 22.16 2.27 -15.53
C ALA B 141 23.12 2.63 -14.39
N LYS B 142 23.31 3.93 -14.19
CA LYS B 142 24.16 4.44 -13.13
C LYS B 142 23.55 4.16 -11.75
N SER B 143 22.32 4.62 -11.52
CA SER B 143 21.64 4.39 -10.24
C SER B 143 21.62 2.91 -9.92
N ILE B 144 21.25 2.12 -10.92
CA ILE B 144 21.19 0.66 -10.82
C ILE B 144 22.50 0.13 -10.21
N ALA B 145 23.62 0.50 -10.83
CA ALA B 145 24.92 0.10 -10.37
C ALA B 145 25.11 0.50 -8.91
N GLU B 146 24.74 1.74 -8.58
CA GLU B 146 24.86 2.24 -7.21
C GLU B 146 24.09 1.35 -6.23
N CYS B 147 22.84 1.04 -6.56
CA CYS B 147 22.05 0.19 -5.69
C CYS B 147 22.79 -1.14 -5.55
N GLY B 148 23.17 -1.72 -6.69
CA GLY B 148 23.88 -3.00 -6.66
C GLY B 148 24.96 -2.93 -5.61
N GLN B 149 25.76 -1.87 -5.73
CA GLN B 149 26.86 -1.59 -4.84
C GLN B 149 26.36 -1.57 -3.40
N ASP B 150 25.23 -0.91 -3.18
CA ASP B 150 24.62 -0.75 -1.86
C ASP B 150 24.35 -2.05 -1.15
N ALA B 151 24.03 -3.09 -1.93
CA ALA B 151 23.76 -4.39 -1.34
C ALA B 151 24.74 -5.49 -1.78
N HIS B 152 25.75 -5.10 -2.55
CA HIS B 152 26.73 -6.05 -3.07
C HIS B 152 26.05 -7.06 -3.98
N ALA B 153 25.08 -6.56 -4.74
CA ALA B 153 24.34 -7.39 -5.67
C ALA B 153 25.05 -7.28 -7.01
N SER B 154 24.96 -8.33 -7.82
CA SER B 154 25.62 -8.34 -9.13
C SER B 154 24.67 -8.86 -10.19
N PHE B 155 24.42 -8.08 -11.21
CA PHE B 155 23.50 -8.48 -12.26
C PHE B 155 24.21 -8.92 -13.52
N GLU B 156 23.49 -9.59 -14.42
CA GLU B 156 24.08 -10.04 -15.67
C GLU B 156 23.50 -9.27 -16.83
N SER B 157 22.22 -9.00 -16.81
CA SER B 157 21.59 -8.24 -17.88
C SER B 157 20.82 -7.13 -17.24
N SER B 158 20.00 -6.43 -18.00
CA SER B 158 19.23 -5.33 -17.47
C SER B 158 18.51 -4.81 -18.68
N TRP B 159 17.19 -4.78 -18.60
CA TRP B 159 16.36 -4.37 -19.72
C TRP B 159 15.55 -3.17 -19.33
N ILE B 160 15.52 -2.17 -20.22
CA ILE B 160 14.78 -0.93 -19.94
C ILE B 160 13.95 -0.44 -21.11
N GLY B 161 12.74 0.03 -20.80
CA GLY B 161 11.85 0.54 -21.82
C GLY B 161 11.16 1.80 -21.32
N PHE B 162 10.31 2.40 -22.14
CA PHE B 162 9.61 3.63 -21.76
C PHE B 162 8.21 3.68 -22.36
N ALA B 163 7.54 4.77 -22.07
CA ALA B 163 6.19 5.08 -22.58
C ALA B 163 6.06 6.60 -22.48
N TYR B 164 5.54 7.20 -23.55
CA TYR B 164 5.39 8.64 -23.60
C TYR B 164 4.14 9.04 -24.37
N THR B 165 3.81 10.32 -24.28
CA THR B 165 2.67 10.84 -24.98
C THR B 165 2.66 12.35 -24.95
N MET B 166 2.25 12.94 -26.08
CA MET B 166 2.15 14.39 -26.24
C MET B 166 0.70 14.76 -25.92
N MET B 167 0.47 15.60 -24.92
CA MET B 167 -0.90 15.97 -24.61
C MET B 167 -1.37 17.10 -25.55
N GLU B 168 -2.62 17.02 -25.98
CA GLU B 168 -3.17 18.07 -26.84
C GLU B 168 -3.38 19.28 -25.92
N PRO B 169 -3.48 20.49 -26.50
CA PRO B 169 -3.69 21.67 -25.65
C PRO B 169 -4.93 21.50 -24.78
N GLY B 170 -4.72 21.61 -23.46
CA GLY B 170 -5.80 21.43 -22.51
C GLY B 170 -5.98 19.98 -22.05
N GLN B 171 -5.03 19.10 -22.40
CA GLN B 171 -5.11 17.69 -22.02
C GLN B 171 -4.12 17.30 -20.93
N ILE B 172 -4.62 16.61 -19.91
CA ILE B 172 -3.77 16.16 -18.81
C ILE B 172 -3.25 14.78 -19.22
N GLY B 173 -1.95 14.56 -19.00
CA GLY B 173 -1.33 13.29 -19.33
C GLY B 173 -0.91 12.54 -18.07
N ASN B 174 -1.00 11.21 -18.13
CA ASN B 174 -0.62 10.36 -17.00
C ASN B 174 0.29 9.24 -17.50
N ALA B 175 1.56 9.30 -17.14
CA ALA B 175 2.52 8.28 -17.55
C ALA B 175 2.79 7.33 -16.39
N ILE B 176 2.60 6.05 -16.64
CA ILE B 176 2.80 5.03 -15.61
C ILE B 176 3.77 3.92 -15.98
N THR B 177 4.50 3.48 -14.97
CA THR B 177 5.47 2.41 -15.06
C THR B 177 4.96 1.49 -13.96
N VAL B 178 4.76 0.22 -14.28
CA VAL B 178 4.25 -0.70 -13.30
C VAL B 178 4.54 -2.18 -13.51
N ALA B 179 5.01 -2.80 -12.44
CA ALA B 179 5.33 -4.21 -12.40
C ALA B 179 4.30 -4.84 -11.49
N PRO B 180 3.44 -5.73 -12.04
CA PRO B 180 2.39 -6.43 -11.29
C PRO B 180 2.89 -7.76 -10.80
N TYR B 181 2.37 -8.24 -9.68
CA TYR B 181 2.77 -9.53 -9.14
C TYR B 181 1.55 -10.45 -9.08
N VAL B 182 1.46 -11.39 -10.00
CA VAL B 182 0.33 -12.29 -10.06
C VAL B 182 0.59 -13.77 -9.91
N SER B 183 -0.51 -14.51 -9.97
CA SER B 183 -0.55 -15.95 -9.93
C SER B 183 -1.26 -16.28 -11.23
N LEU B 184 -0.92 -17.39 -11.86
CA LEU B 184 -1.51 -17.75 -13.13
C LEU B 184 -2.70 -18.68 -13.00
N PRO B 185 -3.71 -18.50 -13.86
CA PRO B 185 -4.93 -19.33 -13.86
C PRO B 185 -4.64 -20.65 -14.53
N ILE B 186 -5.50 -21.64 -14.28
CA ILE B 186 -5.27 -22.95 -14.87
C ILE B 186 -5.34 -22.99 -16.37
N ASP B 187 -6.47 -22.58 -16.93
CA ASP B 187 -6.62 -22.65 -18.36
C ASP B 187 -5.59 -21.95 -19.23
N SER B 188 -4.76 -21.11 -18.64
CA SER B 188 -3.72 -20.43 -19.41
C SER B 188 -2.52 -21.33 -19.54
N ILE B 189 -2.53 -22.42 -18.79
CA ILE B 189 -1.43 -23.35 -18.82
C ILE B 189 -1.91 -24.60 -19.53
N PRO B 190 -1.27 -24.95 -20.66
CA PRO B 190 -1.60 -26.12 -21.49
C PRO B 190 -1.28 -27.41 -20.76
N GLY B 191 -2.27 -28.29 -20.71
CA GLY B 191 -2.10 -29.57 -20.06
C GLY B 191 -1.76 -29.48 -18.58
N GLY B 192 -2.30 -28.46 -17.91
CA GLY B 192 -2.02 -28.31 -16.49
C GLY B 192 -3.20 -28.80 -15.70
N SER B 193 -3.09 -28.74 -14.38
CA SER B 193 -4.18 -29.18 -13.55
C SER B 193 -4.02 -28.65 -12.15
N ILE B 194 -5.15 -28.29 -11.55
CA ILE B 194 -5.18 -27.76 -10.21
C ILE B 194 -4.46 -28.68 -9.22
N LEU B 195 -4.28 -29.93 -9.61
CA LEU B 195 -3.64 -30.91 -8.73
C LEU B 195 -2.16 -31.08 -8.97
N THR B 196 -1.62 -30.39 -9.97
CA THR B 196 -0.22 -30.51 -10.28
C THR B 196 0.43 -29.15 -10.24
N PRO B 197 0.40 -28.51 -9.07
CA PRO B 197 0.98 -27.18 -8.88
C PRO B 197 2.40 -26.99 -9.42
N ASP B 198 3.37 -27.72 -8.89
CA ASP B 198 4.74 -27.54 -9.33
C ASP B 198 4.97 -27.89 -10.78
N LYS B 199 4.27 -28.91 -11.27
CA LYS B 199 4.41 -29.29 -12.66
C LYS B 199 3.92 -28.17 -13.57
N ASP B 200 2.83 -27.52 -13.19
CA ASP B 200 2.24 -26.44 -13.97
C ASP B 200 3.24 -25.31 -14.28
N MET B 201 4.13 -25.03 -13.34
CA MET B 201 5.12 -23.99 -13.55
C MET B 201 6.15 -24.48 -14.54
N GLU B 202 6.63 -25.70 -14.34
CA GLU B 202 7.62 -26.31 -15.23
C GLU B 202 7.16 -26.21 -16.67
N ILE B 203 5.86 -26.38 -16.89
CA ILE B 203 5.33 -26.26 -18.24
C ILE B 203 5.63 -24.85 -18.76
N MET B 204 5.26 -23.84 -17.98
CA MET B 204 5.49 -22.46 -18.36
C MET B 204 6.97 -22.15 -18.51
N GLU B 205 7.79 -22.71 -17.65
CA GLU B 205 9.21 -22.49 -17.72
C GLU B 205 9.74 -22.90 -19.08
N ASN B 206 9.14 -23.96 -19.64
CA ASN B 206 9.56 -24.52 -20.93
C ASN B 206 8.95 -23.94 -22.18
N LEU B 207 7.65 -23.67 -22.15
CA LEU B 207 6.97 -23.12 -23.32
C LEU B 207 7.45 -21.72 -23.69
N THR B 208 7.89 -21.56 -24.93
CA THR B 208 8.32 -20.25 -25.40
C THR B 208 7.04 -19.51 -25.76
N MET B 209 7.09 -18.19 -25.65
CA MET B 209 5.93 -17.40 -25.98
C MET B 209 5.29 -17.85 -27.30
N PRO B 210 6.09 -18.02 -28.37
CA PRO B 210 5.51 -18.45 -29.64
C PRO B 210 4.65 -19.70 -29.48
N GLU B 211 5.29 -20.76 -29.01
CA GLU B 211 4.62 -22.04 -28.82
C GLU B 211 3.35 -21.84 -28.04
N TRP B 212 3.43 -21.10 -26.95
CA TRP B 212 2.28 -20.86 -26.11
C TRP B 212 1.09 -20.38 -26.92
N LEU B 213 1.27 -19.28 -27.62
CA LEU B 213 0.18 -18.75 -28.42
C LEU B 213 -0.42 -19.83 -29.32
N GLU B 214 0.43 -20.59 -29.99
CA GLU B 214 -0.04 -21.64 -30.90
C GLU B 214 -0.82 -22.71 -30.15
N LYS B 215 -0.21 -23.26 -29.13
CA LYS B 215 -0.84 -24.30 -28.33
C LYS B 215 -2.13 -23.81 -27.70
N MET B 216 -2.25 -22.50 -27.53
CA MET B 216 -3.45 -21.90 -26.95
C MET B 216 -4.45 -21.44 -28.00
N GLY B 217 -3.97 -21.25 -29.21
CA GLY B 217 -4.84 -20.81 -30.28
C GLY B 217 -5.01 -19.31 -30.23
N TYR B 218 -3.93 -18.63 -29.91
CA TYR B 218 -3.93 -17.19 -29.82
C TYR B 218 -3.09 -16.60 -30.94
N LYS B 219 -3.60 -15.56 -31.58
CA LYS B 219 -2.86 -14.89 -32.65
C LYS B 219 -1.88 -13.96 -31.94
N SER B 220 -0.66 -13.80 -32.47
CA SER B 220 0.30 -12.91 -31.83
C SER B 220 -0.12 -11.47 -32.03
N LEU B 221 -0.40 -10.78 -30.94
CA LEU B 221 -0.81 -9.40 -31.03
C LEU B 221 0.39 -8.48 -31.14
N SER B 222 1.52 -8.91 -30.56
CA SER B 222 2.74 -8.12 -30.61
C SER B 222 3.22 -8.12 -32.06
N ALA B 223 2.75 -9.12 -32.82
CA ALA B 223 3.05 -9.30 -34.25
C ALA B 223 4.44 -8.79 -34.56
N ASN B 224 4.57 -7.98 -35.61
CA ASN B 224 5.85 -7.41 -35.96
C ASN B 224 5.73 -5.95 -35.51
N ASN B 225 6.25 -5.68 -34.31
CA ASN B 225 6.25 -4.34 -33.73
C ASN B 225 4.90 -3.62 -33.71
N ALA B 226 3.83 -4.39 -33.86
CA ALA B 226 2.48 -3.83 -33.88
C ALA B 226 2.17 -2.95 -32.66
N LEU B 227 2.95 -3.09 -31.59
CA LEU B 227 2.71 -2.31 -30.37
C LEU B 227 3.64 -1.13 -30.04
N LYS B 228 3.02 0.03 -29.85
CA LYS B 228 3.70 1.27 -29.47
C LYS B 228 3.18 1.65 -28.08
N TYR B 229 4.09 1.95 -27.16
CA TYR B 229 3.71 2.31 -25.79
C TYR B 229 3.78 3.80 -25.50
N SER C 1 2.56 -15.96 26.62
CA SER C 1 2.52 -15.55 28.04
C SER C 1 1.08 -15.43 28.52
N GLU C 2 0.91 -15.09 29.80
CA GLU C 2 -0.38 -14.92 30.43
C GLU C 2 -1.32 -14.10 29.55
N LEU C 3 -0.74 -13.31 28.67
CA LEU C 3 -1.55 -12.51 27.79
C LEU C 3 -2.22 -13.34 26.72
N ASP C 4 -1.43 -14.06 25.94
CA ASP C 4 -1.92 -14.86 24.84
C ASP C 4 -3.11 -15.66 25.29
N ALA C 5 -3.04 -16.15 26.52
CA ALA C 5 -4.10 -16.94 27.12
C ALA C 5 -5.48 -16.27 27.10
N LYS C 6 -5.49 -14.95 27.13
CA LYS C 6 -6.73 -14.17 27.07
C LYS C 6 -7.14 -13.91 25.62
N LEU C 7 -6.15 -13.83 24.74
CA LEU C 7 -6.45 -13.61 23.33
C LEU C 7 -6.99 -14.86 22.67
N ASN C 8 -6.38 -16.00 22.99
CA ASN C 8 -6.78 -17.28 22.42
C ASN C 8 -8.24 -17.57 22.66
N LYS C 9 -8.82 -16.91 23.65
CA LYS C 9 -10.22 -17.14 23.95
C LYS C 9 -11.09 -16.22 23.11
N LEU C 10 -10.47 -15.22 22.50
CA LEU C 10 -11.16 -14.26 21.63
C LEU C 10 -10.99 -14.70 20.19
N GLY C 11 -10.09 -15.65 19.96
CA GLY C 11 -9.83 -16.15 18.63
C GLY C 11 -8.57 -15.55 18.05
N VAL C 12 -7.79 -14.88 18.89
CA VAL C 12 -6.58 -14.26 18.43
C VAL C 12 -5.39 -15.05 18.86
N ASP C 13 -4.39 -15.12 17.99
CA ASP C 13 -3.16 -15.80 18.27
C ASP C 13 -2.10 -14.89 17.71
N ARG C 14 -0.89 -14.97 18.24
CA ARG C 14 0.18 -14.12 17.77
C ARG C 14 1.38 -14.93 17.30
N ILE C 15 1.12 -16.06 16.65
CA ILE C 15 2.21 -16.88 16.17
C ILE C 15 2.54 -16.35 14.80
N ALA C 16 3.81 -16.15 14.51
CA ALA C 16 4.20 -15.63 13.20
C ALA C 16 5.51 -16.30 12.81
N ILE C 17 5.40 -17.35 12.01
CA ILE C 17 6.57 -18.10 11.62
C ILE C 17 6.81 -18.06 10.14
N SER C 18 8.07 -18.04 9.77
CA SER C 18 8.50 -18.00 8.40
C SER C 18 9.06 -19.35 8.05
N PRO C 19 8.47 -20.00 7.02
CA PRO C 19 8.90 -21.32 6.57
C PRO C 19 10.24 -21.28 5.89
N TYR C 20 10.79 -20.09 5.72
CA TYR C 20 12.07 -19.96 5.07
C TYR C 20 13.21 -20.21 6.03
N LYS C 21 14.37 -20.53 5.46
CA LYS C 21 15.55 -20.76 6.26
C LYS C 21 16.33 -19.46 6.41
N GLN C 22 16.45 -19.00 7.65
CA GLN C 22 17.18 -17.78 8.01
C GLN C 22 16.49 -16.44 7.75
N TRP C 23 15.71 -16.35 6.68
CA TRP C 23 15.02 -15.12 6.36
C TRP C 23 13.70 -14.89 7.03
N THR C 24 13.43 -13.60 7.28
CA THR C 24 12.19 -13.16 7.90
C THR C 24 11.24 -12.91 6.73
N ARG C 25 9.94 -12.91 6.99
CA ARG C 25 8.99 -12.68 5.92
C ARG C 25 7.93 -11.66 6.27
N GLY C 26 7.33 -11.08 5.25
CA GLY C 26 6.32 -10.07 5.47
C GLY C 26 5.03 -10.67 5.93
N TYR C 27 4.38 -9.98 6.85
CA TYR C 27 3.10 -10.41 7.37
C TYR C 27 2.18 -10.44 6.17
N MET C 28 1.31 -11.42 6.12
CA MET C 28 0.36 -11.62 5.02
C MET C 28 0.89 -12.46 3.85
N GLU C 29 2.21 -12.54 3.73
CA GLU C 29 2.81 -13.34 2.67
C GLU C 29 2.31 -14.77 2.91
N PRO C 30 1.99 -15.50 1.85
CA PRO C 30 1.50 -16.88 1.94
C PRO C 30 2.57 -17.80 2.49
N GLY C 31 2.15 -18.95 3.01
CA GLY C 31 3.11 -19.90 3.54
C GLY C 31 3.63 -19.60 4.94
N ASN C 32 3.25 -18.45 5.49
CA ASN C 32 3.68 -18.10 6.84
C ASN C 32 2.80 -18.87 7.78
N ILE C 33 3.30 -19.14 8.97
CA ILE C 33 2.52 -19.90 9.91
C ILE C 33 2.14 -19.05 11.09
N GLY C 34 0.87 -19.11 11.46
CA GLY C 34 0.38 -18.33 12.58
C GLY C 34 -0.35 -17.10 12.07
N ASN C 35 -1.21 -16.52 12.92
CA ASN C 35 -1.96 -15.35 12.52
C ASN C 35 -1.53 -14.05 13.22
N GLY C 36 -0.26 -13.92 13.56
CA GLY C 36 0.19 -12.73 14.24
C GLY C 36 1.29 -12.03 13.46
N TYR C 37 2.00 -11.12 14.13
CA TYR C 37 3.10 -10.39 13.52
C TYR C 37 4.07 -9.82 14.55
N VAL C 38 5.33 -9.70 14.17
CA VAL C 38 6.35 -9.14 15.04
C VAL C 38 6.75 -7.87 14.33
N THR C 39 6.92 -6.78 15.08
CA THR C 39 7.28 -5.50 14.49
C THR C 39 8.48 -4.87 15.19
N GLY C 40 9.11 -3.90 14.55
CA GLY C 40 10.28 -3.25 15.12
C GLY C 40 10.40 -1.78 14.72
N LEU C 41 11.44 -1.11 15.22
CA LEU C 41 11.63 0.31 14.96
C LEU C 41 12.91 0.64 14.18
N LYS C 42 12.77 1.06 12.92
CA LYS C 42 13.96 1.43 12.16
C LYS C 42 13.85 2.83 11.65
N VAL C 43 14.83 3.65 12.03
CA VAL C 43 14.93 5.04 11.59
C VAL C 43 16.35 5.21 11.11
N ASP C 44 16.49 5.75 9.90
CA ASP C 44 17.80 5.95 9.32
C ASP C 44 17.69 6.93 8.18
N ALA C 45 18.83 7.35 7.63
CA ALA C 45 18.83 8.28 6.52
C ALA C 45 20.06 8.12 5.64
N GLY C 46 19.90 8.39 4.35
CA GLY C 46 20.99 8.26 3.39
C GLY C 46 20.98 9.37 2.34
N VAL C 47 22.14 9.59 1.71
CA VAL C 47 22.30 10.65 0.71
C VAL C 47 22.87 10.17 -0.62
N ARG C 48 22.59 10.93 -1.67
CA ARG C 48 23.12 10.62 -3.01
C ARG C 48 23.41 11.93 -3.74
N ASP C 49 24.49 11.95 -4.53
CA ASP C 49 24.88 13.13 -5.30
C ASP C 49 23.86 13.53 -6.35
N LYS C 50 23.31 14.73 -6.14
CA LYS C 50 22.26 15.30 -6.97
C LYS C 50 22.47 15.28 -8.47
N SER C 51 21.71 14.44 -9.16
CA SER C 51 21.76 14.43 -10.60
C SER C 51 20.50 15.25 -10.92
N ASP C 52 20.02 15.18 -12.16
CA ASP C 52 18.82 15.92 -12.53
C ASP C 52 17.59 15.06 -12.24
N ASN C 53 17.74 13.75 -12.40
CA ASN C 53 16.65 12.79 -12.19
C ASN C 53 16.23 12.62 -10.73
N ASN C 54 15.32 13.50 -10.27
CA ASN C 54 14.80 13.51 -8.89
C ASN C 54 14.41 12.16 -8.34
N VAL C 55 13.50 11.50 -9.07
CA VAL C 55 13.02 10.19 -8.70
C VAL C 55 14.23 9.32 -8.38
N LEU C 56 15.05 9.08 -9.39
CA LEU C 56 16.24 8.27 -9.23
C LEU C 56 17.09 8.69 -8.04
N ASP C 57 17.20 9.99 -7.82
CA ASP C 57 17.98 10.49 -6.70
C ASP C 57 17.35 9.96 -5.40
N GLY C 58 16.02 10.00 -5.35
CA GLY C 58 15.28 9.51 -4.19
C GLY C 58 15.35 7.99 -4.04
N ILE C 59 15.19 7.26 -5.15
CA ILE C 59 15.24 5.81 -5.17
C ILE C 59 16.53 5.37 -4.52
N VAL C 60 17.62 5.93 -4.97
CA VAL C 60 18.92 5.57 -4.44
C VAL C 60 19.12 5.96 -2.98
N SER C 61 18.75 7.19 -2.62
CA SER C 61 18.91 7.64 -1.23
C SER C 61 18.17 6.66 -0.32
N TYR C 62 16.94 6.33 -0.74
CA TYR C 62 16.06 5.41 -0.06
C TYR C 62 16.78 4.05 0.05
N ASP C 63 17.35 3.60 -1.06
CA ASP C 63 18.07 2.33 -1.11
C ASP C 63 19.23 2.32 -0.12
N ARG C 64 20.02 3.39 -0.13
CA ARG C 64 21.15 3.50 0.77
C ARG C 64 20.67 3.58 2.21
N ALA C 65 19.47 4.09 2.42
CA ALA C 65 18.93 4.18 3.76
C ALA C 65 18.47 2.82 4.25
N GLU C 66 17.75 2.08 3.40
CA GLU C 66 17.27 0.74 3.77
C GLU C 66 18.49 -0.12 4.16
N THR C 67 19.52 -0.08 3.32
CA THR C 67 20.75 -0.83 3.52
C THR C 67 21.57 -0.43 4.76
N LYS C 68 21.41 0.81 5.21
CA LYS C 68 22.13 1.30 6.39
C LYS C 68 21.64 0.59 7.66
N ASN C 69 22.58 0.38 8.57
CA ASN C 69 22.26 -0.24 9.85
C ASN C 69 21.40 -1.51 9.77
N ALA C 70 20.22 -1.47 10.39
CA ALA C 70 19.30 -2.59 10.38
C ALA C 70 18.95 -2.81 8.93
N TYR C 71 19.53 -3.87 8.37
CA TYR C 71 19.38 -4.21 6.96
C TYR C 71 18.04 -4.77 6.50
N ILE C 72 17.35 -4.02 5.66
CA ILE C 72 16.08 -4.47 5.09
C ILE C 72 16.24 -4.38 3.58
N GLY C 73 17.38 -4.89 3.14
CA GLY C 73 17.78 -4.90 1.75
C GLY C 73 16.80 -4.87 0.61
N GLN C 74 16.83 -5.92 -0.19
CA GLN C 74 15.99 -6.00 -1.37
C GLN C 74 14.54 -6.34 -1.07
N ILE C 75 13.87 -5.42 -0.42
CA ILE C 75 12.51 -5.58 0.00
C ILE C 75 11.49 -4.76 -0.77
N ASN C 76 10.36 -5.40 -1.04
CA ASN C 76 9.26 -4.71 -1.69
C ASN C 76 8.51 -4.15 -0.48
N MET C 77 8.59 -2.83 -0.28
CA MET C 77 7.93 -2.22 0.85
C MET C 77 6.53 -1.67 0.60
N THR C 78 5.58 -2.22 1.32
CA THR C 78 4.20 -1.79 1.22
C THR C 78 4.08 -0.71 2.28
N THR C 79 3.03 0.09 2.22
CA THR C 79 2.87 1.15 3.19
C THR C 79 1.52 1.13 3.89
N ALA C 80 1.56 1.22 5.21
CA ALA C 80 0.32 1.27 5.99
C ALA C 80 0.41 2.51 6.86
N SER C 81 -0.76 3.07 7.22
CA SER C 81 -0.79 4.29 8.03
C SER C 81 -2.08 4.48 8.83
C PYR D 1 -0.06 2.56 14.12
O PYR D 1 0.24 3.08 15.20
CA PYR D 1 0.08 3.38 12.97
CB PYR D 1 -0.29 2.84 11.60
N PHE D 2 -0.43 1.29 14.03
CA PHE D 2 -0.61 0.45 15.23
C PHE D 2 0.02 -0.95 15.26
N THR D 3 0.02 -1.53 16.45
CA THR D 3 0.56 -2.87 16.71
C THR D 3 -0.25 -3.44 17.89
N GLY D 4 -1.38 -4.06 17.57
CA GLY D 4 -2.25 -4.56 18.61
C GLY D 4 -2.22 -6.02 18.96
N VAL D 5 -3.41 -6.55 19.25
CA VAL D 5 -3.60 -7.94 19.64
C VAL D 5 -2.76 -8.96 18.91
N GLN D 6 -2.49 -8.73 17.63
CA GLN D 6 -1.71 -9.69 16.88
C GLN D 6 -0.22 -9.43 16.92
N GLY D 7 0.28 -8.63 17.85
CA GLY D 7 1.70 -8.35 17.80
C GLY D 7 2.58 -8.31 19.03
N ARG D 8 3.88 -8.31 18.75
CA ARG D 8 4.92 -8.23 19.77
C ARG D 8 6.02 -7.36 19.16
N VAL D 9 6.86 -6.76 20.00
CA VAL D 9 7.92 -5.89 19.52
C VAL D 9 9.31 -6.43 19.82
N ILE D 10 10.16 -6.52 18.81
CA ILE D 10 11.53 -7.00 19.01
C ILE D 10 12.23 -6.13 20.03
N GLY D 11 12.89 -6.76 20.98
CA GLY D 11 13.59 -6.02 22.00
C GLY D 11 12.71 -5.80 23.19
N TYR D 12 11.40 -5.65 22.99
CA TYR D 12 10.52 -5.41 24.13
C TYR D 12 9.81 -6.68 24.58
N ASP D 13 8.77 -7.09 23.85
CA ASP D 13 7.99 -8.29 24.17
C ASP D 13 8.85 -9.53 23.99
N ILE D 14 9.66 -9.55 22.94
CA ILE D 14 10.54 -10.68 22.69
C ILE D 14 11.95 -10.16 22.59
N LEU D 15 12.92 -11.02 22.87
CA LEU D 15 14.34 -10.66 22.80
C LEU D 15 14.61 -9.37 23.58
N ARG D 16 13.91 -9.23 24.71
CA ARG D 16 14.05 -8.04 25.53
C ARG D 16 15.47 -7.62 25.89
N SER D 17 15.80 -6.36 25.61
CA SER D 17 17.10 -5.83 25.97
C SER D 17 16.95 -5.13 27.32
N PRO D 18 17.75 -5.58 28.32
CA PRO D 18 17.76 -5.05 29.69
C PRO D 18 17.70 -3.53 29.80
N GLU D 19 18.20 -2.86 28.76
CA GLU D 19 18.20 -1.41 28.71
C GLU D 19 16.85 -0.83 29.10
N VAL D 20 15.80 -1.62 28.90
CA VAL D 20 14.45 -1.20 29.23
C VAL D 20 14.30 -1.09 30.75
N ASP D 21 14.64 -2.16 31.47
CA ASP D 21 14.50 -2.17 32.92
C ASP D 21 15.70 -1.50 33.62
N LYS D 22 16.21 -0.45 32.98
CA LYS D 22 17.35 0.32 33.48
C LYS D 22 17.25 1.76 32.95
N ALA D 23 16.26 2.01 32.09
CA ALA D 23 16.07 3.34 31.51
C ALA D 23 15.20 4.23 32.40
N LYS D 24 15.42 5.54 32.31
CA LYS D 24 14.64 6.48 33.11
C LYS D 24 13.93 7.42 32.15
N PRO D 25 12.71 7.84 32.49
CA PRO D 25 11.88 8.74 31.68
C PRO D 25 12.51 10.12 31.49
N LEU D 26 12.37 10.65 30.28
CA LEU D 26 12.89 11.97 29.97
C LEU D 26 11.93 13.01 30.52
N PHE D 27 10.66 12.63 30.65
CA PHE D 27 9.62 13.49 31.19
C PHE D 27 8.30 12.76 31.10
N THR D 28 7.20 13.42 31.46
CA THR D 28 5.90 12.77 31.38
C THR D 28 4.87 13.65 30.71
N GLU D 29 3.79 13.02 30.25
CA GLU D 29 2.71 13.72 29.58
C GLU D 29 1.43 13.25 30.25
N THR D 30 0.52 14.19 30.46
CA THR D 30 -0.73 13.90 31.09
C THR D 30 -1.75 13.31 30.11
N GLN D 31 -2.13 12.07 30.34
CA GLN D 31 -3.09 11.40 29.48
C GLN D 31 -4.48 11.83 29.87
N TRP D 32 -5.42 11.77 28.94
CA TRP D 32 -6.79 12.16 29.22
C TRP D 32 -7.33 11.55 30.51
N ASP D 33 -7.04 10.26 30.73
CA ASP D 33 -7.52 9.57 31.92
C ASP D 33 -6.92 10.15 33.23
N GLY D 34 -5.98 11.08 33.10
CA GLY D 34 -5.39 11.70 34.27
C GLY D 34 -4.10 11.07 34.77
N SER D 35 -3.59 10.04 34.11
CA SER D 35 -2.34 9.44 34.56
C SER D 35 -1.19 9.92 33.69
N GLU D 36 0.04 9.76 34.18
CA GLU D 36 1.21 10.19 33.41
C GLU D 36 1.67 9.13 32.42
N LEU D 37 2.36 9.57 31.38
CA LEU D 37 2.88 8.67 30.36
C LEU D 37 4.37 8.97 30.21
N PRO D 38 5.20 8.21 30.92
CA PRO D 38 6.65 8.44 30.83
C PRO D 38 7.17 8.28 29.42
N ILE D 39 8.18 9.04 29.07
CA ILE D 39 8.75 8.98 27.75
C ILE D 39 10.21 8.57 27.81
N TYR D 40 10.61 7.60 26.99
CA TYR D 40 12.00 7.15 26.98
C TYR D 40 12.57 7.28 25.58
N ASP D 41 13.89 7.30 25.50
CA ASP D 41 14.54 7.37 24.21
C ASP D 41 14.51 5.94 23.73
N ALA D 42 14.00 5.73 22.52
CA ALA D 42 13.86 4.40 21.96
C ALA D 42 15.17 3.71 21.52
N LYS D 43 16.31 4.26 21.93
CA LYS D 43 17.60 3.68 21.58
C LYS D 43 17.69 2.14 21.72
N PRO D 44 17.27 1.57 22.88
CA PRO D 44 17.33 0.12 23.08
C PRO D 44 16.65 -0.66 21.98
N LEU D 45 15.36 -0.36 21.76
CA LEU D 45 14.58 -1.03 20.75
C LEU D 45 15.18 -0.95 19.36
N GLN D 46 15.75 0.21 19.03
CA GLN D 46 16.36 0.42 17.73
C GLN D 46 17.57 -0.48 17.59
N ASP D 47 18.44 -0.47 18.59
CA ASP D 47 19.64 -1.31 18.58
C ASP D 47 19.24 -2.78 18.48
N ALA D 48 18.21 -3.17 19.23
CA ALA D 48 17.71 -4.54 19.22
C ALA D 48 17.45 -5.06 17.81
N LEU D 49 16.62 -4.34 17.04
CA LEU D 49 16.30 -4.75 15.68
C LEU D 49 17.58 -4.98 14.90
N VAL D 50 18.57 -4.13 15.11
CA VAL D 50 19.83 -4.25 14.41
C VAL D 50 20.47 -5.61 14.70
N GLU D 51 20.43 -6.03 15.96
CA GLU D 51 21.03 -7.31 16.32
C GLU D 51 20.39 -8.45 15.54
N TYR D 52 19.06 -8.42 15.46
CA TYR D 52 18.30 -9.47 14.78
C TYR D 52 18.47 -9.57 13.26
N PHE D 53 18.23 -8.48 12.56
CA PHE D 53 18.36 -8.49 11.11
C PHE D 53 19.79 -8.58 10.65
N GLY D 54 20.67 -7.90 11.37
CA GLY D 54 22.07 -7.85 10.99
C GLY D 54 22.27 -6.61 10.11
N THR D 55 23.46 -6.47 9.57
CA THR D 55 23.76 -5.32 8.74
C THR D 55 24.15 -5.84 7.37
N GLU D 56 24.40 -4.92 6.45
CA GLU D 56 24.80 -5.31 5.11
C GLU D 56 26.04 -6.20 5.17
N GLN D 57 26.92 -5.92 6.14
CA GLN D 57 28.14 -6.69 6.30
C GLN D 57 27.96 -7.95 7.14
N ASP D 58 27.49 -7.77 8.37
CA ASP D 58 27.25 -8.90 9.26
C ASP D 58 25.73 -9.17 9.17
N ARG D 59 25.31 -9.75 8.06
CA ARG D 59 23.90 -10.07 7.82
C ARG D 59 23.42 -11.21 8.72
N ARG D 60 22.16 -11.12 9.15
CA ARG D 60 21.57 -12.13 10.00
C ARG D 60 20.18 -12.56 9.55
N HIS D 61 19.14 -12.22 10.31
CA HIS D 61 17.80 -12.63 9.95
C HIS D 61 17.00 -11.57 9.24
N TYR D 62 17.57 -11.07 8.16
CA TYR D 62 16.93 -10.05 7.36
C TYR D 62 15.85 -10.66 6.49
N PRO D 63 15.00 -9.81 5.90
CA PRO D 63 13.92 -10.29 5.04
C PRO D 63 14.42 -10.96 3.76
N ALA D 64 13.69 -11.99 3.33
CA ALA D 64 14.00 -12.73 2.13
C ALA D 64 14.09 -11.80 0.93
N PRO D 65 15.10 -12.00 0.09
CA PRO D 65 15.30 -11.18 -1.11
C PRO D 65 14.07 -11.14 -2.01
N GLY D 66 13.42 -9.99 -2.07
CA GLY D 66 12.26 -9.84 -2.89
C GLY D 66 10.95 -10.08 -2.17
N SER D 67 11.02 -10.22 -0.86
CA SER D 67 9.81 -10.45 -0.09
C SER D 67 9.00 -9.17 -0.05
N PHE D 68 7.79 -9.27 0.48
CA PHE D 68 6.93 -8.11 0.58
C PHE D 68 6.74 -7.79 2.05
N ILE D 69 7.50 -6.83 2.55
CA ILE D 69 7.35 -6.47 3.93
C ILE D 69 6.49 -5.23 4.05
N VAL D 70 5.34 -5.38 4.70
CA VAL D 70 4.48 -4.25 4.90
C VAL D 70 5.11 -3.47 6.04
N CYS D 71 5.14 -2.15 5.90
CA CYS D 71 5.73 -1.29 6.92
C CYS D 71 4.90 -0.06 7.19
N ALA D 72 4.77 0.28 8.46
CA ALA D 72 4.09 1.49 8.85
C ALA D 72 5.28 2.41 8.70
N ASN D 73 5.26 3.26 7.67
CA ASN D 73 6.40 4.13 7.45
C ASN D 73 6.05 5.49 6.87
N LYS D 74 7.09 6.32 6.80
CA LYS D 74 7.04 7.67 6.25
C LYS D 74 8.48 8.08 6.00
N GLY D 75 8.67 9.15 5.24
CA GLY D 75 10.01 9.60 4.96
C GLY D 75 10.06 11.04 4.51
N VAL D 76 11.22 11.49 4.09
CA VAL D 76 11.39 12.85 3.64
C VAL D 76 12.68 13.01 2.83
N THR D 77 12.60 13.80 1.79
CA THR D 77 13.75 14.03 0.94
C THR D 77 13.89 15.53 0.63
N ALA D 78 15.12 16.02 0.74
CA ALA D 78 15.41 17.42 0.48
C ALA D 78 16.78 17.61 -0.15
N GLU D 79 16.95 18.76 -0.78
CA GLU D 79 18.20 19.10 -1.44
C GLU D 79 18.99 20.19 -0.71
N ARG D 80 20.30 19.97 -0.65
CA ARG D 80 21.24 20.91 -0.05
C ARG D 80 22.12 21.20 -1.28
N PRO D 81 21.98 22.40 -1.89
CA PRO D 81 22.76 22.78 -3.07
C PRO D 81 24.22 23.09 -2.79
N LYS D 82 24.94 23.46 -3.85
CA LYS D 82 26.38 23.79 -3.77
C LYS D 82 26.60 25.21 -3.19
N ASN D 83 26.57 25.30 -1.86
CA ASN D 83 26.73 26.55 -1.11
C ASN D 83 25.52 27.49 -1.27
N ASP D 84 25.22 27.77 -2.55
CA ASP D 84 24.12 28.61 -3.02
C ASP D 84 23.22 29.23 -1.95
N ALA D 85 23.35 30.55 -1.82
CA ALA D 85 22.56 31.31 -0.84
C ALA D 85 21.07 31.17 -1.16
N ASP D 86 20.73 31.16 -2.45
CA ASP D 86 19.33 31.00 -2.86
C ASP D 86 19.06 29.51 -2.60
N MET D 87 18.43 29.21 -1.48
CA MET D 87 18.16 27.83 -1.10
C MET D 87 16.74 27.40 -1.37
N LYS D 88 16.22 27.78 -2.54
CA LYS D 88 14.87 27.42 -2.99
C LYS D 88 13.85 27.16 -1.85
N PRO D 89 12.78 26.36 -2.11
CA PRO D 89 11.88 26.18 -0.96
C PRO D 89 12.14 24.96 -0.09
N GLY D 90 11.97 23.76 -0.67
CA GLY D 90 12.18 22.53 0.08
C GLY D 90 13.63 22.09 0.08
N GLN D 91 14.51 22.95 0.57
CA GLN D 91 15.92 22.62 0.60
C GLN D 91 16.37 22.86 2.04
N GLY D 92 17.54 22.33 2.39
CA GLY D 92 18.06 22.47 3.75
C GLY D 92 19.46 21.91 3.85
N TYR D 93 20.03 21.93 5.06
CA TYR D 93 21.39 21.41 5.26
C TYR D 93 21.39 19.99 5.81
N GLY D 94 20.25 19.57 6.35
CA GLY D 94 20.15 18.23 6.91
C GLY D 94 18.71 17.75 6.90
N VAL D 95 18.50 16.47 7.20
CA VAL D 95 17.15 15.93 7.22
C VAL D 95 17.00 14.95 8.39
N TRP D 96 15.80 14.84 8.94
CA TRP D 96 15.58 13.96 10.10
C TRP D 96 14.24 13.22 10.07
N SER D 97 14.19 12.12 10.82
CA SER D 97 13.01 11.29 10.95
C SER D 97 12.90 10.83 12.40
N ALA D 98 11.68 10.60 12.87
CA ALA D 98 11.43 10.20 14.24
C ALA D 98 10.33 9.14 14.31
N ILE D 99 10.39 8.31 15.36
CA ILE D 99 9.42 7.24 15.53
C ILE D 99 9.11 7.01 17.02
N ALA D 100 7.85 6.71 17.30
CA ALA D 100 7.42 6.48 18.66
C ALA D 100 6.50 5.29 18.76
N ILE D 101 6.71 4.50 19.82
CA ILE D 101 5.89 3.33 20.07
C ILE D 101 5.31 3.45 21.45
N SER D 102 3.98 3.42 21.52
CA SER D 102 3.28 3.53 22.80
C SER D 102 2.51 2.25 23.06
N PHE D 103 2.82 1.60 24.18
CA PHE D 103 2.15 0.35 24.56
C PHE D 103 0.94 0.66 25.40
N ALA D 104 -0.17 -0.01 25.12
CA ALA D 104 -1.40 0.22 25.87
C ALA D 104 -1.31 -0.51 27.19
N LYS D 105 -1.99 0.01 28.22
CA LYS D 105 -1.98 -0.60 29.53
C LYS D 105 -2.69 -1.94 29.38
N ASP D 106 -3.81 -1.93 28.67
CA ASP D 106 -4.57 -3.15 28.44
C ASP D 106 -4.63 -3.53 26.96
N PRO D 107 -3.67 -4.33 26.51
CA PRO D 107 -3.59 -4.77 25.12
C PRO D 107 -4.81 -5.51 24.61
N THR D 108 -5.73 -5.89 25.48
CA THR D 108 -6.90 -6.64 25.02
C THR D 108 -8.05 -5.77 24.50
N LYS D 109 -7.97 -4.46 24.72
CA LYS D 109 -8.98 -3.51 24.22
C LYS D 109 -8.26 -2.56 23.29
N ASP D 110 -7.18 -1.98 23.80
CA ASP D 110 -6.42 -1.00 23.05
C ASP D 110 -5.19 -1.58 22.42
N SER D 111 -4.95 -1.17 21.18
CA SER D 111 -3.79 -1.57 20.42
C SER D 111 -2.67 -0.65 20.82
N SER D 112 -1.44 -1.14 20.75
CA SER D 112 -0.30 -0.28 21.05
C SER D 112 -0.17 0.58 19.78
N MET D 113 0.35 1.80 19.90
CA MET D 113 0.43 2.71 18.77
C MET D 113 1.77 3.33 18.37
N PHE D 114 1.95 3.40 17.07
CA PHE D 114 3.11 4.01 16.43
C PHE D 114 2.74 5.44 16.00
N VAL D 115 3.71 6.35 16.13
CA VAL D 115 3.58 7.75 15.73
C VAL D 115 4.94 8.12 15.17
N GLU D 116 4.99 8.41 13.89
CA GLU D 116 6.25 8.77 13.27
C GLU D 116 6.18 10.22 12.79
N ASP D 117 7.35 10.76 12.41
CA ASP D 117 7.46 12.13 11.90
C ASP D 117 8.82 12.23 11.20
N ALA D 118 8.99 13.28 10.40
CA ALA D 118 10.23 13.53 9.68
C ALA D 118 10.21 14.99 9.24
N GLY D 119 11.38 15.49 8.83
CA GLY D 119 11.43 16.86 8.38
C GLY D 119 12.79 17.26 7.89
N VAL D 120 12.88 18.48 7.38
CA VAL D 120 14.13 19.03 6.86
C VAL D 120 14.69 19.98 7.88
N TRP D 121 16.02 20.11 7.91
CA TRP D 121 16.67 21.00 8.85
C TRP D 121 17.22 22.22 8.10
N GLU D 122 17.16 23.37 8.76
CA GLU D 122 17.59 24.63 8.15
C GLU D 122 18.94 25.27 8.51
N THR D 123 19.51 24.95 9.66
CA THR D 123 20.78 25.55 10.01
C THR D 123 21.87 24.49 9.94
N PRO D 124 22.99 24.79 9.28
CA PRO D 124 24.09 23.82 9.15
C PRO D 124 24.66 23.44 10.53
N ASN D 125 24.16 24.12 11.57
CA ASN D 125 24.62 23.84 12.91
C ASN D 125 23.97 22.56 13.43
N GLU D 126 24.63 21.44 13.17
CA GLU D 126 24.16 20.13 13.60
C GLU D 126 23.89 20.14 15.10
N ASP D 127 24.86 20.68 15.83
CA ASP D 127 24.78 20.77 17.28
C ASP D 127 23.44 21.34 17.69
N GLU D 128 23.04 22.38 16.96
CA GLU D 128 21.75 23.01 17.18
C GLU D 128 20.68 21.94 16.93
N LEU D 129 20.63 21.46 15.69
CA LEU D 129 19.68 20.44 15.28
C LEU D 129 19.20 19.52 16.40
N LEU D 130 20.15 18.96 17.13
CA LEU D 130 19.82 18.04 18.20
C LEU D 130 18.83 18.65 19.18
N GLU D 131 19.08 19.91 19.56
CA GLU D 131 18.20 20.65 20.48
C GLU D 131 16.77 20.60 19.97
N TYR D 132 16.59 20.88 18.68
CA TYR D 132 15.27 20.82 18.07
C TYR D 132 14.61 19.48 18.41
N LEU D 133 15.29 18.41 18.04
CA LEU D 133 14.80 17.04 18.27
C LEU D 133 14.47 16.84 19.75
N GLU D 134 15.45 17.15 20.60
CA GLU D 134 15.32 17.03 22.05
C GLU D 134 14.02 17.67 22.53
N GLY D 135 13.48 18.59 21.73
CA GLY D 135 12.23 19.23 22.06
C GLY D 135 11.07 18.53 21.38
N ARG D 136 11.28 18.11 20.14
CA ARG D 136 10.27 17.42 19.33
C ARG D 136 9.51 16.35 20.09
N ARG D 137 10.21 15.62 20.96
CA ARG D 137 9.56 14.59 21.76
C ARG D 137 8.30 15.17 22.36
N LYS D 138 8.44 16.27 23.10
CA LYS D 138 7.32 16.94 23.75
C LYS D 138 6.21 17.17 22.74
N ALA D 139 6.60 17.53 21.52
CA ALA D 139 5.63 17.77 20.45
C ALA D 139 4.85 16.48 20.16
N MET D 140 5.58 15.40 19.98
CA MET D 140 4.96 14.12 19.68
C MET D 140 4.11 13.63 20.84
N ALA D 141 4.69 13.63 22.03
CA ALA D 141 4.01 13.20 23.24
C ALA D 141 2.61 13.82 23.31
N LYS D 142 2.49 15.05 22.80
CA LYS D 142 1.21 15.78 22.78
C LYS D 142 0.23 15.13 21.80
N SER D 143 0.65 14.97 20.54
CA SER D 143 -0.20 14.34 19.52
C SER D 143 -0.64 12.96 20.02
N ILE D 144 0.33 12.21 20.51
CA ILE D 144 0.12 10.87 21.06
C ILE D 144 -1.08 10.88 22.02
N ALA D 145 -0.98 11.76 23.02
CA ALA D 145 -2.03 11.90 24.01
C ALA D 145 -3.36 12.21 23.32
N GLU D 146 -3.34 13.11 22.33
CA GLU D 146 -4.56 13.46 21.61
C GLU D 146 -5.20 12.25 20.96
N CYS D 147 -4.39 11.45 20.27
CA CYS D 147 -4.88 10.24 19.63
C CYS D 147 -5.49 9.35 20.71
N GLY D 148 -4.72 9.12 21.77
CA GLY D 148 -5.19 8.28 22.87
C GLY D 148 -6.60 8.70 23.22
N GLN D 149 -6.74 10.00 23.42
CA GLN D 149 -7.99 10.65 23.75
C GLN D 149 -9.06 10.30 22.71
N ASP D 150 -8.66 10.39 21.44
CA ASP D 150 -9.56 10.10 20.30
C ASP D 150 -10.22 8.73 20.35
N ALA D 151 -9.49 7.75 20.89
CA ALA D 151 -10.04 6.41 20.97
C ALA D 151 -10.19 5.90 22.40
N HIS D 152 -9.88 6.75 23.38
CA HIS D 152 -9.99 6.37 24.78
C HIS D 152 -9.00 5.27 25.10
N ALA D 153 -7.84 5.41 24.49
CA ALA D 153 -6.75 4.49 24.67
C ALA D 153 -5.85 5.03 25.79
N SER D 154 -5.24 4.13 26.55
CA SER D 154 -4.38 4.54 27.65
C SER D 154 -3.07 3.77 27.61
N PHE D 155 -1.94 4.48 27.51
CA PHE D 155 -0.65 3.82 27.43
C PHE D 155 0.10 3.89 28.75
N GLU D 156 1.15 3.08 28.86
CA GLU D 156 1.92 3.05 30.08
C GLU D 156 3.30 3.63 29.84
N SER D 157 3.90 3.29 28.71
CA SER D 157 5.21 3.84 28.41
C SER D 157 5.09 4.47 27.03
N SER D 158 6.22 4.82 26.44
CA SER D 158 6.22 5.42 25.12
C SER D 158 7.69 5.69 24.86
N TRP D 159 8.20 5.12 23.77
CA TRP D 159 9.61 5.25 23.45
C TRP D 159 9.76 5.95 22.11
N ILE D 160 10.68 6.91 22.05
CA ILE D 160 10.88 7.66 20.83
C ILE D 160 12.35 7.86 20.48
N GLY D 161 12.67 7.72 19.19
CA GLY D 161 14.04 7.88 18.75
C GLY D 161 14.06 8.66 17.44
N PHE D 162 15.24 8.92 16.90
CA PHE D 162 15.35 9.70 15.66
C PHE D 162 16.50 9.22 14.82
N ALA D 163 16.68 9.90 13.68
CA ALA D 163 17.76 9.63 12.75
C ALA D 163 17.89 10.92 11.96
N TYR D 164 19.14 11.34 11.74
CA TYR D 164 19.43 12.57 11.01
C TYR D 164 20.73 12.47 10.21
N THR D 165 20.93 13.48 9.37
CA THR D 165 22.13 13.53 8.57
C THR D 165 22.26 14.89 7.88
N MET D 166 23.49 15.36 7.80
CA MET D 166 23.83 16.62 7.15
C MET D 166 24.25 16.28 5.74
N MET D 167 23.55 16.83 4.74
CA MET D 167 23.94 16.54 3.36
C MET D 167 25.10 17.44 2.93
N GLU D 168 26.03 16.88 2.17
CA GLU D 168 27.15 17.67 1.69
C GLU D 168 26.57 18.56 0.59
N PRO D 169 27.25 19.67 0.26
CA PRO D 169 26.72 20.54 -0.78
C PRO D 169 26.49 19.75 -2.07
N GLY D 170 25.25 19.78 -2.53
CA GLY D 170 24.88 19.05 -3.73
C GLY D 170 24.38 17.64 -3.46
N GLN D 171 24.17 17.30 -2.19
CA GLN D 171 23.71 15.97 -1.83
C GLN D 171 22.26 15.92 -1.37
N ILE D 172 21.52 14.98 -1.92
CA ILE D 172 20.12 14.81 -1.53
C ILE D 172 20.09 13.86 -0.35
N GLY D 173 19.29 14.21 0.67
CA GLY D 173 19.16 13.38 1.85
C GLY D 173 17.79 12.74 1.93
N ASN D 174 17.72 11.52 2.45
CA ASN D 174 16.46 10.80 2.60
C ASN D 174 16.36 10.23 4.01
N ALA D 175 15.47 10.78 4.81
CA ALA D 175 15.29 10.32 6.18
C ALA D 175 14.06 9.46 6.27
N ILE D 176 14.21 8.27 6.82
CA ILE D 176 13.11 7.34 6.95
C ILE D 176 12.89 6.79 8.34
N THR D 177 11.62 6.63 8.65
CA THR D 177 11.14 6.08 9.91
C THR D 177 10.30 4.92 9.43
N VAL D 178 10.53 3.73 9.97
CA VAL D 178 9.76 2.58 9.51
C VAL D 178 9.67 1.42 10.48
N ALA D 179 8.44 0.94 10.64
CA ALA D 179 8.12 -0.18 11.48
C ALA D 179 7.71 -1.30 10.53
N PRO D 180 8.48 -2.40 10.49
CA PRO D 180 8.20 -3.56 9.63
C PRO D 180 7.40 -4.60 10.39
N TYR D 181 6.60 -5.38 9.68
CA TYR D 181 5.81 -6.42 10.30
C TYR D 181 6.19 -7.75 9.70
N VAL D 182 6.93 -8.55 10.46
CA VAL D 182 7.41 -9.85 9.97
C VAL D 182 6.99 -11.06 10.76
N SER D 183 7.46 -12.19 10.26
CA SER D 183 7.28 -13.50 10.85
C SER D 183 8.72 -13.96 11.01
N LEU D 184 9.01 -14.72 12.06
CA LEU D 184 10.37 -15.17 12.33
C LEU D 184 10.71 -16.54 11.74
N PRO D 185 11.94 -16.70 11.25
CA PRO D 185 12.41 -17.97 10.66
C PRO D 185 12.73 -18.97 11.75
N ILE D 186 12.79 -20.24 11.41
CA ILE D 186 13.04 -21.26 12.42
C ILE D 186 14.40 -21.17 13.07
N ASP D 187 15.45 -21.21 12.26
CA ASP D 187 16.80 -21.19 12.80
C ASP D 187 17.17 -20.02 13.69
N SER D 188 16.35 -18.98 13.73
CA SER D 188 16.64 -17.84 14.57
C SER D 188 16.07 -18.10 15.96
N ILE D 189 15.32 -19.18 16.09
CA ILE D 189 14.75 -19.53 17.37
C ILE D 189 15.46 -20.78 17.85
N PRO D 190 16.16 -20.68 19.00
CA PRO D 190 16.91 -21.77 19.62
C PRO D 190 15.96 -22.87 20.09
N GLY D 191 16.28 -24.11 19.68
CA GLY D 191 15.49 -25.27 20.07
C GLY D 191 14.04 -25.21 19.63
N GLY D 192 13.82 -24.59 18.48
CA GLY D 192 12.47 -24.48 17.97
C GLY D 192 12.25 -25.52 16.90
N SER D 193 11.03 -25.57 16.37
CA SER D 193 10.71 -26.53 15.34
C SER D 193 9.46 -26.13 14.62
N ILE D 194 9.47 -26.35 13.32
CA ILE D 194 8.35 -26.02 12.47
C ILE D 194 7.06 -26.66 13.00
N LEU D 195 7.19 -27.67 13.85
CA LEU D 195 6.02 -28.36 14.37
C LEU D 195 5.55 -27.85 15.70
N THR D 196 6.25 -26.89 16.26
CA THR D 196 5.87 -26.35 17.56
C THR D 196 5.69 -24.86 17.45
N PRO D 197 4.73 -24.43 16.64
CA PRO D 197 4.45 -23.01 16.43
C PRO D 197 4.30 -22.17 17.70
N ASP D 198 3.31 -22.47 18.53
CA ASP D 198 3.12 -21.66 19.72
C ASP D 198 4.27 -21.70 20.71
N LYS D 199 4.93 -22.85 20.80
CA LYS D 199 6.05 -22.99 21.71
C LYS D 199 7.20 -22.10 21.24
N ASP D 200 7.39 -22.04 19.93
CA ASP D 200 8.48 -21.25 19.38
C ASP D 200 8.44 -19.80 19.81
N MET D 201 7.22 -19.28 19.95
CA MET D 201 7.05 -17.88 20.38
C MET D 201 7.43 -17.76 21.85
N GLU D 202 6.89 -18.66 22.67
CA GLU D 202 7.19 -18.65 24.10
C GLU D 202 8.69 -18.61 24.34
N ILE D 203 9.45 -19.31 23.51
CA ILE D 203 10.90 -19.29 23.66
C ILE D 203 11.36 -17.84 23.50
N MET D 204 10.95 -17.19 22.41
CA MET D 204 11.34 -15.81 22.17
C MET D 204 10.86 -14.88 23.28
N GLU D 205 9.65 -15.12 23.76
CA GLU D 205 9.10 -14.29 24.82
C GLU D 205 10.04 -14.30 26.02
N ASN D 206 10.68 -15.44 26.25
CA ASN D 206 11.56 -15.60 27.40
C ASN D 206 13.01 -15.22 27.24
N LEU D 207 13.57 -15.51 26.07
CA LEU D 207 14.98 -15.20 25.82
C LEU D 207 15.27 -13.69 25.77
N THR D 208 16.19 -13.23 26.61
CA THR D 208 16.54 -11.82 26.61
C THR D 208 17.50 -11.67 25.46
N MET D 209 17.54 -10.49 24.87
CA MET D 209 18.45 -10.23 23.76
C MET D 209 19.87 -10.77 24.02
N PRO D 210 20.43 -10.47 25.22
CA PRO D 210 21.77 -10.96 25.53
C PRO D 210 21.88 -12.46 25.34
N GLU D 211 21.06 -13.19 26.10
CA GLU D 211 21.04 -14.63 26.04
C GLU D 211 20.97 -15.10 24.60
N TRP D 212 20.03 -14.53 23.85
CA TRP D 212 19.83 -14.93 22.46
C TRP D 212 21.13 -14.92 21.70
N LEU D 213 21.80 -13.77 21.67
CA LEU D 213 23.06 -13.67 20.95
C LEU D 213 24.04 -14.79 21.36
N GLU D 214 24.15 -15.03 22.67
CA GLU D 214 25.04 -16.06 23.16
C GLU D 214 24.60 -17.44 22.66
N LYS D 215 23.36 -17.81 22.95
CA LYS D 215 22.81 -19.09 22.54
C LYS D 215 22.89 -19.28 21.02
N MET D 216 22.96 -18.17 20.27
CA MET D 216 23.05 -18.21 18.82
C MET D 216 24.48 -18.13 18.32
N GLY D 217 25.36 -17.61 19.17
CA GLY D 217 26.75 -17.47 18.78
C GLY D 217 26.95 -16.21 17.97
N TYR D 218 26.24 -15.16 18.36
CA TYR D 218 26.32 -13.87 17.68
C TYR D 218 26.98 -12.87 18.60
N LYS D 219 27.89 -12.10 18.04
CA LYS D 219 28.58 -11.06 18.81
C LYS D 219 27.61 -9.87 18.84
N SER D 220 27.56 -9.15 19.96
CA SER D 220 26.65 -8.00 20.05
C SER D 220 27.17 -6.86 19.19
N LEU D 221 26.39 -6.50 18.19
CA LEU D 221 26.81 -5.44 17.31
C LEU D 221 26.48 -4.07 17.89
N SER D 222 25.41 -4.04 18.70
CA SER D 222 25.00 -2.80 19.34
C SER D 222 26.09 -2.41 20.35
N ALA D 223 26.86 -3.43 20.75
CA ALA D 223 27.97 -3.28 21.70
C ALA D 223 27.65 -2.21 22.72
N ASN D 224 28.62 -1.32 22.94
CA ASN D 224 28.41 -0.22 23.87
C ASN D 224 28.23 0.97 22.96
N ASN D 225 26.97 1.30 22.70
CA ASN D 225 26.59 2.44 21.86
C ASN D 225 27.26 2.49 20.49
N ALA D 226 27.81 1.36 20.04
CA ALA D 226 28.48 1.27 18.75
C ALA D 226 27.63 1.77 17.55
N LEU D 227 26.32 1.88 17.75
CA LEU D 227 25.44 2.35 16.69
C LEU D 227 24.86 3.78 16.76
N LYS D 228 25.08 4.52 15.67
CA LYS D 228 24.56 5.88 15.53
C LYS D 228 23.61 5.84 14.32
N TYR D 229 22.41 6.41 14.50
CA TYR D 229 21.40 6.41 13.44
C TYR D 229 21.26 7.74 12.71
N SER E 1 -26.52 -16.03 -3.10
CA SER E 1 -27.70 -15.81 -3.99
C SER E 1 -27.44 -16.36 -5.39
N GLU E 2 -28.47 -16.30 -6.22
CA GLU E 2 -28.42 -16.76 -7.60
C GLU E 2 -27.13 -16.32 -8.30
N LEU E 3 -26.52 -15.28 -7.77
CA LEU E 3 -25.30 -14.80 -8.37
C LEU E 3 -24.12 -15.71 -8.04
N ASP E 4 -23.87 -15.92 -6.76
CA ASP E 4 -22.75 -16.73 -6.31
C ASP E 4 -22.69 -18.00 -7.12
N ALA E 5 -23.87 -18.55 -7.38
CA ALA E 5 -24.03 -19.78 -8.15
C ALA E 5 -23.34 -19.73 -9.53
N LYS E 6 -23.19 -18.54 -10.10
CA LYS E 6 -22.52 -18.38 -11.37
C LYS E 6 -21.03 -18.20 -11.16
N LEU E 7 -20.67 -17.63 -10.01
CA LEU E 7 -19.27 -17.40 -9.69
C LEU E 7 -18.57 -18.67 -9.29
N ASN E 8 -19.24 -19.46 -8.47
CA ASN E 8 -18.71 -20.72 -7.97
C ASN E 8 -18.31 -21.64 -9.11
N LYS E 9 -18.85 -21.38 -10.29
CA LYS E 9 -18.51 -22.19 -11.43
C LYS E 9 -17.28 -21.64 -12.13
N LEU E 10 -16.89 -20.42 -11.78
CA LEU E 10 -15.70 -19.77 -12.34
C LEU E 10 -14.53 -19.92 -11.38
N GLY E 11 -14.85 -20.38 -10.18
CA GLY E 11 -13.84 -20.58 -9.16
C GLY E 11 -13.85 -19.47 -8.14
N VAL E 12 -14.86 -18.61 -8.22
CA VAL E 12 -14.94 -17.49 -7.31
C VAL E 12 -15.96 -17.75 -6.26
N ASP E 13 -15.65 -17.30 -5.05
CA ASP E 13 -16.52 -17.42 -3.90
C ASP E 13 -16.38 -16.09 -3.19
N ARG E 14 -17.41 -15.70 -2.45
CA ARG E 14 -17.37 -14.42 -1.74
C ARG E 14 -17.59 -14.61 -0.27
N ILE E 15 -17.01 -15.64 0.31
CA ILE E 15 -17.17 -15.86 1.73
C ILE E 15 -16.04 -15.11 2.34
N ALA E 16 -16.32 -14.36 3.41
CA ALA E 16 -15.30 -13.58 4.07
C ALA E 16 -15.61 -13.60 5.54
N ILE E 17 -14.97 -14.48 6.27
CA ILE E 17 -15.24 -14.60 7.69
C ILE E 17 -14.02 -14.29 8.52
N SER E 18 -14.27 -13.71 9.69
CA SER E 18 -13.24 -13.36 10.62
C SER E 18 -13.34 -14.31 11.80
N PRO E 19 -12.25 -15.02 12.08
CA PRO E 19 -12.17 -15.97 13.18
C PRO E 19 -12.18 -15.31 14.53
N TYR E 20 -12.14 -13.97 14.52
CA TYR E 20 -12.13 -13.23 15.76
C TYR E 20 -13.53 -13.06 16.33
N LYS E 21 -13.58 -12.82 17.63
CA LYS E 21 -14.84 -12.60 18.30
C LYS E 21 -15.18 -11.12 18.27
N GLN E 22 -16.29 -10.78 17.64
CA GLN E 22 -16.78 -9.41 17.52
C GLN E 22 -16.11 -8.47 16.53
N TRP E 23 -14.80 -8.61 16.36
CA TRP E 23 -14.07 -7.77 15.44
C TRP E 23 -14.05 -8.20 13.98
N THR E 24 -14.01 -7.21 13.12
CA THR E 24 -13.94 -7.42 11.69
C THR E 24 -12.44 -7.49 11.39
N ARG E 25 -12.06 -8.04 10.25
CA ARG E 25 -10.65 -8.12 9.88
C ARG E 25 -10.40 -7.72 8.46
N GLY E 26 -9.17 -7.29 8.20
CA GLY E 26 -8.79 -6.86 6.88
C GLY E 26 -8.69 -8.01 5.90
N TYR E 27 -9.13 -7.77 4.69
CA TYR E 27 -9.07 -8.76 3.64
C TYR E 27 -7.60 -9.03 3.45
N MET E 28 -7.28 -10.29 3.21
CA MET E 28 -5.90 -10.78 3.03
C MET E 28 -5.21 -11.16 4.33
N GLU E 29 -5.70 -10.65 5.46
CA GLU E 29 -5.12 -11.01 6.74
C GLU E 29 -5.26 -12.53 6.85
N PRO E 30 -4.26 -13.19 7.41
CA PRO E 30 -4.26 -14.64 7.57
C PRO E 30 -5.32 -15.08 8.55
N GLY E 31 -5.70 -16.35 8.48
CA GLY E 31 -6.72 -16.86 9.39
C GLY E 31 -8.15 -16.51 9.02
N ASN E 32 -8.33 -15.70 7.99
CA ASN E 32 -9.68 -15.35 7.57
C ASN E 32 -10.20 -16.53 6.79
N ILE E 33 -11.50 -16.70 6.78
CA ILE E 33 -12.07 -17.82 6.04
C ILE E 33 -12.85 -17.32 4.87
N GLY E 34 -12.62 -17.92 3.71
CA GLY E 34 -13.33 -17.51 2.53
C GLY E 34 -12.42 -16.66 1.65
N ASN E 35 -12.73 -16.60 0.36
CA ASN E 35 -11.90 -15.85 -0.57
C ASN E 35 -12.58 -14.60 -1.11
N GLY E 36 -13.43 -13.98 -0.31
CA GLY E 36 -14.10 -12.79 -0.77
C GLY E 36 -13.82 -11.62 0.14
N TYR E 37 -14.64 -10.57 0.02
CA TYR E 37 -14.52 -9.37 0.85
C TYR E 37 -15.80 -8.57 0.90
N VAL E 38 -16.01 -7.87 2.01
CA VAL E 38 -17.18 -7.02 2.17
C VAL E 38 -16.61 -5.62 2.25
N THR E 39 -17.23 -4.66 1.55
CA THR E 39 -16.74 -3.30 1.56
C THR E 39 -17.84 -2.31 1.95
N GLY E 40 -17.44 -1.10 2.33
CA GLY E 40 -18.38 -0.07 2.74
C GLY E 40 -17.93 1.34 2.39
N LEU E 41 -18.79 2.33 2.66
CA LEU E 41 -18.48 3.72 2.33
C LEU E 41 -18.33 4.62 3.54
N LYS E 42 -17.13 5.10 3.82
CA LYS E 42 -16.94 6.03 4.95
C LYS E 42 -16.27 7.29 4.50
N VAL E 43 -16.96 8.41 4.75
CA VAL E 43 -16.46 9.74 4.43
C VAL E 43 -16.66 10.55 5.71
N ASP E 44 -15.61 11.22 6.13
CA ASP E 44 -15.66 12.01 7.34
C ASP E 44 -14.49 12.99 7.34
N ALA E 45 -14.47 13.88 8.32
CA ALA E 45 -13.38 14.84 8.41
C ALA E 45 -13.18 15.31 9.84
N GLY E 46 -11.92 15.64 10.18
CA GLY E 46 -11.58 16.08 11.52
C GLY E 46 -10.54 17.20 11.51
N VAL E 47 -10.46 17.92 12.62
CA VAL E 47 -9.54 19.06 12.74
C VAL E 47 -8.67 19.04 14.00
N ARG E 48 -7.52 19.71 13.93
CA ARG E 48 -6.61 19.79 15.07
C ARG E 48 -5.95 21.18 15.07
N ASP E 49 -5.72 21.71 16.27
CA ASP E 49 -5.11 23.04 16.42
C ASP E 49 -3.67 23.09 15.91
N LYS E 50 -3.50 23.89 14.86
CA LYS E 50 -2.22 24.04 14.18
C LYS E 50 -0.98 24.28 15.02
N SER E 51 -0.13 23.27 15.10
CA SER E 51 1.13 23.43 15.81
C SER E 51 2.09 23.67 14.63
N ASP E 52 3.38 23.56 14.85
CA ASP E 52 4.34 23.75 13.75
C ASP E 52 4.56 22.43 13.00
N ASN E 53 4.47 21.32 13.74
CA ASN E 53 4.66 19.97 13.22
C ASN E 53 3.53 19.49 12.31
N ASN E 54 3.62 19.85 11.02
CA ASN E 54 2.64 19.50 10.00
C ASN E 54 2.19 18.05 10.01
N VAL E 55 3.17 17.15 9.90
CA VAL E 55 2.92 15.71 9.90
C VAL E 55 1.99 15.41 11.06
N LEU E 56 2.49 15.65 12.26
CA LEU E 56 1.72 15.40 13.47
C LEU E 56 0.33 16.03 13.42
N ASP E 57 0.24 17.21 12.84
CA ASP E 57 -1.06 17.89 12.74
C ASP E 57 -1.98 16.99 11.90
N GLY E 58 -1.41 16.45 10.82
CA GLY E 58 -2.16 15.57 9.93
C GLY E 58 -2.49 14.23 10.57
N ILE E 59 -1.50 13.62 11.20
CA ILE E 59 -1.67 12.33 11.87
C ILE E 59 -2.89 12.41 12.79
N VAL E 60 -2.93 13.47 13.60
CA VAL E 60 -4.02 13.64 14.55
C VAL E 60 -5.36 13.94 13.90
N SER E 61 -5.38 14.83 12.92
CA SER E 61 -6.64 15.16 12.23
C SER E 61 -7.22 13.86 11.65
N TYR E 62 -6.32 13.08 11.03
CA TYR E 62 -6.61 11.79 10.42
C TYR E 62 -7.18 10.85 11.50
N ASP E 63 -6.50 10.81 12.64
CA ASP E 63 -6.92 9.98 13.77
C ASP E 63 -8.32 10.36 14.25
N ARG E 64 -8.57 11.66 14.40
CA ARG E 64 -9.87 12.16 14.84
C ARG E 64 -10.93 11.88 13.79
N ALA E 65 -10.52 11.81 12.53
CA ALA E 65 -11.46 11.52 11.45
C ALA E 65 -11.84 10.04 11.46
N GLU E 66 -10.83 9.16 11.58
CA GLU E 66 -11.07 7.72 11.62
C GLU E 66 -12.05 7.41 12.76
N THR E 67 -11.77 8.00 13.93
CA THR E 67 -12.58 7.83 15.14
C THR E 67 -14.01 8.39 15.05
N LYS E 68 -14.20 9.38 14.17
CA LYS E 68 -15.51 10.00 14.01
C LYS E 68 -16.49 9.06 13.35
N ASN E 69 -17.74 9.12 13.79
CA ASN E 69 -18.81 8.31 13.23
C ASN E 69 -18.48 6.81 13.11
N ALA E 70 -18.50 6.28 11.88
CA ALA E 70 -18.21 4.86 11.65
C ALA E 70 -16.79 4.65 12.15
N TYR E 71 -16.67 4.01 13.29
CA TYR E 71 -15.39 3.81 13.92
C TYR E 71 -14.43 2.80 13.32
N ILE E 72 -13.29 3.27 12.85
CA ILE E 72 -12.28 2.39 12.31
C ILE E 72 -11.00 2.69 13.08
N GLY E 73 -11.18 2.73 14.39
CA GLY E 73 -10.13 3.04 15.32
C GLY E 73 -8.67 2.78 15.05
N GLN E 74 -8.08 1.96 15.89
CA GLN E 74 -6.67 1.65 15.82
C GLN E 74 -6.31 0.69 14.68
N ILE E 75 -6.48 1.17 13.47
CA ILE E 75 -6.24 0.40 12.28
C ILE E 75 -5.03 0.79 11.48
N ASN E 76 -4.32 -0.22 10.98
CA ASN E 76 -3.18 0.01 10.12
C ASN E 76 -3.87 0.06 8.76
N MET E 77 -3.92 1.24 8.15
CA MET E 77 -4.59 1.36 6.87
C MET E 77 -3.69 1.30 5.66
N THR E 78 -3.96 0.32 4.82
CA THR E 78 -3.21 0.12 3.60
C THR E 78 -3.98 0.92 2.57
N THR E 79 -3.35 1.23 1.44
CA THR E 79 -3.99 2.01 0.40
C THR E 79 -4.01 1.34 -0.96
N ALA E 80 -5.18 1.28 -1.57
CA ALA E 80 -5.34 0.70 -2.89
C ALA E 80 -6.00 1.76 -3.78
N SER E 81 -5.72 1.74 -5.06
CA SER E 81 -6.30 2.73 -5.96
C SER E 81 -6.46 2.28 -7.41
C PYR F 1 -12.22 0.86 -7.40
O PYR F 1 -13.27 1.32 -7.87
CA PYR F 1 -11.19 1.79 -7.12
CB PYR F 1 -9.88 1.30 -6.56
N PHE F 2 -12.10 -0.44 -7.12
CA PHE F 2 -13.16 -1.41 -7.44
C PHE F 2 -13.61 -2.42 -6.36
N THR F 3 -14.74 -3.05 -6.65
CA THR F 3 -15.37 -4.04 -5.80
C THR F 3 -16.11 -4.98 -6.74
N GLY F 4 -15.41 -6.01 -7.22
CA GLY F 4 -16.00 -6.94 -8.16
C GLY F 4 -16.47 -8.29 -7.66
N VAL F 5 -16.25 -9.29 -8.50
CA VAL F 5 -16.64 -10.67 -8.22
C VAL F 5 -16.49 -11.16 -6.79
N GLN F 6 -15.46 -10.71 -6.10
CA GLN F 6 -15.27 -11.18 -4.75
C GLN F 6 -15.94 -10.33 -3.71
N GLY F 7 -16.88 -9.48 -4.08
CA GLY F 7 -17.48 -8.59 -3.08
C GLY F 7 -18.96 -8.29 -2.95
N ARG F 8 -19.29 -7.74 -1.80
CA ARG F 8 -20.64 -7.33 -1.45
C ARG F 8 -20.51 -6.01 -0.67
N VAL F 9 -21.57 -5.19 -0.68
CA VAL F 9 -21.53 -3.91 0.01
C VAL F 9 -22.49 -3.83 1.19
N ILE F 10 -21.97 -3.41 2.34
CA ILE F 10 -22.81 -3.29 3.54
C ILE F 10 -23.94 -2.34 3.25
N GLY F 11 -25.13 -2.75 3.61
CA GLY F 11 -26.29 -1.91 3.37
C GLY F 11 -26.93 -2.22 2.04
N TYR F 12 -26.14 -2.58 1.03
CA TYR F 12 -26.74 -2.86 -0.26
C TYR F 12 -26.96 -4.35 -0.46
N ASP F 13 -25.88 -5.09 -0.76
CA ASP F 13 -25.94 -6.54 -1.00
C ASP F 13 -26.31 -7.26 0.28
N ILE F 14 -25.72 -6.82 1.38
CA ILE F 14 -26.02 -7.43 2.67
C ILE F 14 -26.51 -6.35 3.60
N LEU F 15 -27.29 -6.74 4.60
CA LEU F 15 -27.82 -5.80 5.57
C LEU F 15 -28.49 -4.62 4.89
N ARG F 16 -29.17 -4.90 3.79
CA ARG F 16 -29.82 -3.86 3.01
C ARG F 16 -30.74 -2.92 3.79
N SER F 17 -30.52 -1.61 3.63
CA SER F 17 -31.38 -0.61 4.27
C SER F 17 -32.43 -0.21 3.25
N PRO F 18 -33.72 -0.38 3.60
CA PRO F 18 -34.88 -0.06 2.78
C PRO F 18 -34.78 1.28 2.05
N GLU F 19 -34.00 2.20 2.61
CA GLU F 19 -33.81 3.52 2.01
C GLU F 19 -33.49 3.42 0.53
N VAL F 20 -32.92 2.29 0.15
CA VAL F 20 -32.57 2.03 -1.23
C VAL F 20 -33.83 1.92 -2.10
N ASP F 21 -34.74 1.03 -1.71
CA ASP F 21 -35.97 0.79 -2.47
C ASP F 21 -37.05 1.84 -2.14
N LYS F 22 -36.60 3.06 -1.90
CA LYS F 22 -37.47 4.18 -1.56
C LYS F 22 -36.79 5.48 -2.02
N ALA F 23 -35.56 5.38 -2.48
CA ALA F 23 -34.81 6.56 -2.93
C ALA F 23 -35.13 6.90 -4.38
N LYS F 24 -34.98 8.19 -4.73
CA LYS F 24 -35.23 8.63 -6.11
C LYS F 24 -33.94 9.27 -6.65
N PRO F 25 -33.68 9.09 -7.96
CA PRO F 25 -32.49 9.64 -8.62
C PRO F 25 -32.45 11.15 -8.61
N LEU F 26 -31.25 11.69 -8.38
CA LEU F 26 -31.07 13.14 -8.40
C LEU F 26 -31.00 13.60 -9.85
N PHE F 27 -30.60 12.70 -10.74
CA PHE F 27 -30.52 12.98 -12.17
C PHE F 27 -29.93 11.77 -12.86
N THR F 28 -29.71 11.85 -14.16
CA THR F 28 -29.12 10.71 -14.87
C THR F 28 -27.96 11.15 -15.76
N GLU F 29 -27.13 10.18 -16.12
CA GLU F 29 -25.98 10.41 -16.97
C GLU F 29 -26.04 9.36 -18.08
N THR F 30 -25.72 9.79 -19.29
CA THR F 30 -25.74 8.94 -20.46
C THR F 30 -24.47 8.09 -20.55
N GLN F 31 -24.66 6.78 -20.43
CA GLN F 31 -23.54 5.86 -20.48
C GLN F 31 -23.22 5.59 -21.94
N TRP F 32 -21.97 5.26 -22.23
CA TRP F 32 -21.55 5.00 -23.60
C TRP F 32 -22.49 4.08 -24.35
N ASP F 33 -22.96 3.04 -23.67
CA ASP F 33 -23.88 2.08 -24.29
C ASP F 33 -25.24 2.70 -24.64
N GLY F 34 -25.45 3.95 -24.26
CA GLY F 34 -26.70 4.63 -24.56
C GLY F 34 -27.78 4.58 -23.49
N SER F 35 -27.52 3.94 -22.36
CA SER F 35 -28.54 3.89 -21.32
C SER F 35 -28.23 4.91 -20.25
N GLU F 36 -29.22 5.23 -19.45
CA GLU F 36 -29.02 6.20 -18.39
C GLU F 36 -28.47 5.56 -17.13
N LEU F 37 -27.82 6.37 -16.31
CA LEU F 37 -27.25 5.89 -15.07
C LEU F 37 -27.76 6.78 -13.94
N PRO F 38 -28.84 6.37 -13.27
CA PRO F 38 -29.38 7.18 -12.17
C PRO F 38 -28.38 7.42 -11.05
N ILE F 39 -28.45 8.59 -10.44
CA ILE F 39 -27.52 8.92 -9.36
C ILE F 39 -28.31 9.17 -8.08
N TYR F 40 -27.87 8.58 -6.98
CA TYR F 40 -28.57 8.77 -5.71
C TYR F 40 -27.58 9.28 -4.69
N ASP F 41 -28.08 9.86 -3.63
CA ASP F 41 -27.23 10.35 -2.56
C ASP F 41 -26.95 9.09 -1.76
N ALA F 42 -25.67 8.81 -1.53
CA ALA F 42 -25.25 7.61 -0.81
C ALA F 42 -25.53 7.58 0.71
N LYS F 43 -26.34 8.51 1.19
CA LYS F 43 -26.67 8.56 2.62
C LYS F 43 -27.00 7.21 3.27
N PRO F 44 -27.92 6.42 2.68
CA PRO F 44 -28.28 5.12 3.25
C PRO F 44 -27.06 4.24 3.54
N LEU F 45 -26.28 3.97 2.50
CA LEU F 45 -25.09 3.15 2.60
C LEU F 45 -24.11 3.66 3.67
N GLN F 46 -23.99 4.97 3.78
CA GLN F 46 -23.08 5.56 4.76
C GLN F 46 -23.58 5.27 6.15
N ASP F 47 -24.86 5.54 6.38
CA ASP F 47 -25.46 5.30 7.68
C ASP F 47 -25.32 3.82 8.04
N ALA F 48 -25.59 2.96 7.05
CA ALA F 48 -25.50 1.51 7.24
C ALA F 48 -24.19 1.06 7.88
N LEU F 49 -23.08 1.45 7.27
CA LEU F 49 -21.77 1.08 7.82
C LEU F 49 -21.67 1.49 9.27
N VAL F 50 -22.20 2.67 9.59
CA VAL F 50 -22.17 3.18 10.94
C VAL F 50 -22.87 2.20 11.90
N GLU F 51 -24.02 1.69 11.50
CA GLU F 51 -24.75 0.74 12.34
C GLU F 51 -23.89 -0.47 12.66
N TYR F 52 -23.21 -1.00 11.64
CA TYR F 52 -22.39 -2.18 11.80
C TYR F 52 -21.14 -2.04 12.65
N PHE F 53 -20.29 -1.08 12.32
CA PHE F 53 -19.07 -0.90 13.09
C PHE F 53 -19.31 -0.32 14.46
N GLY F 54 -20.27 0.59 14.54
CA GLY F 54 -20.55 1.25 15.79
C GLY F 54 -19.73 2.53 15.81
N THR F 55 -19.77 3.24 16.92
CA THR F 55 -19.05 4.50 17.05
C THR F 55 -18.05 4.35 18.19
N GLU F 56 -17.27 5.38 18.43
CA GLU F 56 -16.29 5.33 19.50
C GLU F 56 -17.02 5.06 20.82
N GLN F 57 -18.24 5.58 20.95
CA GLN F 57 -19.01 5.40 22.18
C GLN F 57 -19.80 4.09 22.18
N ASP F 58 -20.66 3.93 21.19
CA ASP F 58 -21.47 2.72 21.06
C ASP F 58 -20.72 1.84 20.03
N ARG F 59 -19.61 1.23 20.47
CA ARG F 59 -18.79 0.37 19.61
C ARG F 59 -19.49 -0.95 19.28
N ARG F 60 -19.30 -1.45 18.06
CA ARG F 60 -19.92 -2.69 17.66
C ARG F 60 -18.95 -3.63 16.96
N HIS F 61 -19.11 -3.84 15.66
CA HIS F 61 -18.22 -4.75 14.94
C HIS F 61 -17.11 -4.05 14.19
N TYR F 62 -16.35 -3.25 14.92
CA TYR F 62 -15.26 -2.53 14.35
C TYR F 62 -14.07 -3.44 14.16
N PRO F 63 -13.07 -2.98 13.40
CA PRO F 63 -11.87 -3.77 13.14
C PRO F 63 -11.03 -4.00 14.38
N ALA F 64 -10.46 -5.20 14.44
CA ALA F 64 -9.62 -5.61 15.54
C ALA F 64 -8.49 -4.61 15.75
N PRO F 65 -8.20 -4.29 17.00
CA PRO F 65 -7.14 -3.36 17.34
C PRO F 65 -5.81 -3.77 16.77
N GLY F 66 -5.32 -2.97 15.81
CA GLY F 66 -4.04 -3.24 15.19
C GLY F 66 -4.11 -4.06 13.95
N SER F 67 -5.32 -4.31 13.47
CA SER F 67 -5.51 -5.09 12.26
C SER F 67 -5.04 -4.31 11.06
N PHE F 68 -4.98 -4.95 9.91
CA PHE F 68 -4.55 -4.28 8.71
C PHE F 68 -5.72 -4.25 7.76
N ILE F 69 -6.41 -3.12 7.73
CA ILE F 69 -7.53 -3.03 6.82
C ILE F 69 -7.12 -2.30 5.59
N VAL F 70 -7.21 -2.98 4.46
CA VAL F 70 -6.86 -2.35 3.20
C VAL F 70 -8.07 -1.51 2.84
N CYS F 71 -7.82 -0.28 2.39
CA CYS F 71 -8.89 0.62 2.02
C CYS F 71 -8.61 1.34 0.74
N ALA F 72 -9.64 1.47 -0.08
CA ALA F 72 -9.54 2.23 -1.32
C ALA F 72 -9.85 3.58 -0.70
N ASN F 73 -8.86 4.47 -0.64
CA ASN F 73 -9.08 5.75 0.00
C ASN F 73 -8.24 6.86 -0.59
N LYS F 74 -8.58 8.06 -0.14
CA LYS F 74 -7.93 9.32 -0.49
C LYS F 74 -8.31 10.34 0.57
N GLY F 75 -7.57 11.44 0.62
CA GLY F 75 -7.87 12.45 1.61
C GLY F 75 -7.33 13.81 1.23
N VAL F 76 -7.45 14.76 2.15
CA VAL F 76 -6.98 16.11 1.92
C VAL F 76 -6.84 16.87 3.22
N THR F 77 -5.78 17.66 3.29
CA THR F 77 -5.53 18.45 4.47
C THR F 77 -5.17 19.87 4.10
N ALA F 78 -5.77 20.83 4.80
CA ALA F 78 -5.54 22.25 4.54
C ALA F 78 -5.56 23.09 5.82
N GLU F 79 -4.93 24.26 5.75
CA GLU F 79 -4.87 25.18 6.88
C GLU F 79 -5.76 26.43 6.70
N ARG F 80 -6.42 26.78 7.79
CA ARG F 80 -7.29 27.93 7.89
C ARG F 80 -6.57 28.70 9.01
N PRO F 81 -5.81 29.77 8.66
CA PRO F 81 -5.07 30.56 9.66
C PRO F 81 -5.95 31.44 10.55
N LYS F 82 -5.30 32.17 11.44
CA LYS F 82 -5.98 33.08 12.37
C LYS F 82 -6.42 34.40 11.66
N ASN F 83 -7.59 34.32 11.00
CA ASN F 83 -8.21 35.46 10.26
C ASN F 83 -7.42 35.78 9.00
N ASP F 84 -6.14 36.09 9.22
CA ASP F 84 -5.12 36.42 8.22
C ASP F 84 -5.58 36.48 6.75
N ALA F 85 -5.60 37.69 6.23
CA ALA F 85 -6.03 37.92 4.85
C ALA F 85 -5.10 37.18 3.88
N ASP F 86 -3.80 37.16 4.21
CA ASP F 86 -2.84 36.46 3.36
C ASP F 86 -3.08 34.99 3.69
N MET F 87 -3.84 34.35 2.80
CA MET F 87 -4.20 32.95 3.00
C MET F 87 -3.35 31.97 2.17
N LYS F 88 -2.04 32.23 2.12
CA LYS F 88 -1.07 31.38 1.44
C LYS F 88 -1.67 30.60 0.23
N PRO F 89 -1.06 29.46 -0.17
CA PRO F 89 -1.69 28.79 -1.31
C PRO F 89 -2.71 27.69 -0.94
N GLY F 90 -2.24 26.62 -0.31
CA GLY F 90 -3.14 25.52 0.03
C GLY F 90 -3.84 25.74 1.34
N GLN F 91 -4.55 26.85 1.44
CA GLN F 91 -5.28 27.15 2.66
C GLN F 91 -6.73 27.39 2.28
N GLY F 92 -7.62 27.36 3.28
CA GLY F 92 -9.04 27.58 3.03
C GLY F 92 -9.82 27.65 4.33
N TYR F 93 -11.14 27.79 4.23
CA TYR F 93 -11.99 27.87 5.41
C TYR F 93 -12.63 26.55 5.77
N GLY F 94 -12.62 25.62 4.83
CA GLY F 94 -13.20 24.31 5.04
C GLY F 94 -12.62 23.28 4.10
N VAL F 95 -12.93 22.01 4.35
CA VAL F 95 -12.40 20.93 3.52
C VAL F 95 -13.49 19.85 3.29
N TRP F 96 -13.46 19.21 2.13
CA TRP F 96 -14.48 18.21 1.81
C TRP F 96 -13.92 16.98 1.10
N SER F 97 -14.69 15.89 1.19
CA SER F 97 -14.36 14.60 0.57
C SER F 97 -15.64 14.00 0.03
N ALA F 98 -15.52 13.23 -1.06
CA ALA F 98 -16.65 12.59 -1.71
C ALA F 98 -16.35 11.15 -2.15
N ILE F 99 -17.39 10.33 -2.23
CA ILE F 99 -17.25 8.94 -2.59
C ILE F 99 -18.43 8.44 -3.41
N ALA F 100 -18.14 7.60 -4.39
CA ALA F 100 -19.17 7.06 -5.25
C ALA F 100 -18.98 5.59 -5.52
N ILE F 101 -20.09 4.85 -5.50
CA ILE F 101 -20.08 3.43 -5.75
C ILE F 101 -21.02 3.16 -6.90
N SER F 102 -20.52 2.57 -7.96
CA SER F 102 -21.33 2.26 -9.12
C SER F 102 -21.38 0.75 -9.30
N PHE F 103 -22.56 0.17 -9.27
CA PHE F 103 -22.72 -1.27 -9.44
C PHE F 103 -22.87 -1.62 -10.91
N ALA F 104 -22.19 -2.66 -11.37
CA ALA F 104 -22.28 -3.06 -12.77
C ALA F 104 -23.58 -3.81 -12.97
N LYS F 105 -24.13 -3.75 -14.18
CA LYS F 105 -25.36 -4.45 -14.50
C LYS F 105 -25.06 -5.95 -14.43
N ASP F 106 -23.92 -6.34 -14.99
CA ASP F 106 -23.52 -7.74 -14.97
C ASP F 106 -22.20 -7.92 -14.20
N PRO F 107 -22.33 -8.19 -12.89
CA PRO F 107 -21.17 -8.39 -12.02
C PRO F 107 -20.25 -9.52 -12.43
N THR F 108 -20.66 -10.38 -13.38
CA THR F 108 -19.79 -11.48 -13.79
C THR F 108 -18.73 -11.13 -14.82
N LYS F 109 -18.82 -9.94 -15.41
CA LYS F 109 -17.83 -9.46 -16.37
C LYS F 109 -17.21 -8.20 -15.80
N ASP F 110 -18.07 -7.28 -15.43
CA ASP F 110 -17.62 -6.00 -14.92
C ASP F 110 -17.67 -5.96 -13.41
N SER F 111 -16.65 -5.34 -12.85
CA SER F 111 -16.55 -5.14 -11.42
C SER F 111 -17.33 -3.86 -11.11
N SER F 112 -17.89 -3.76 -9.91
CA SER F 112 -18.57 -2.55 -9.51
C SER F 112 -17.41 -1.57 -9.20
N MET F 113 -17.62 -0.27 -9.38
CA MET F 113 -16.54 0.70 -9.18
C MET F 113 -16.73 1.87 -8.22
N PHE F 114 -15.64 2.17 -7.52
CA PHE F 114 -15.58 3.28 -6.58
C PHE F 114 -14.88 4.43 -7.27
N VAL F 115 -15.32 5.64 -6.96
CA VAL F 115 -14.73 6.87 -7.49
C VAL F 115 -14.79 7.85 -6.33
N GLU F 116 -13.64 8.28 -5.86
CA GLU F 116 -13.61 9.20 -4.73
C GLU F 116 -12.99 10.53 -5.17
N ASP F 117 -13.16 11.56 -4.33
CA ASP F 117 -12.63 12.91 -4.58
C ASP F 117 -12.59 13.65 -3.25
N ALA F 118 -11.83 14.73 -3.20
CA ALA F 118 -11.73 15.56 -2.01
C ALA F 118 -11.18 16.93 -2.44
N GLY F 119 -11.28 17.91 -1.56
CA GLY F 119 -10.76 19.21 -1.91
C GLY F 119 -10.90 20.17 -0.75
N VAL F 120 -10.36 21.37 -0.98
CA VAL F 120 -10.40 22.46 0.00
C VAL F 120 -11.47 23.46 -0.44
N TRP F 121 -12.09 24.11 0.53
CA TRP F 121 -13.11 25.11 0.25
C TRP F 121 -12.56 26.52 0.48
N GLU F 122 -12.99 27.45 -0.36
CA GLU F 122 -12.51 28.85 -0.27
C GLU F 122 -13.38 29.96 0.37
N THR F 123 -14.69 29.80 0.42
CA THR F 123 -15.49 30.85 1.03
C THR F 123 -16.03 30.35 2.34
N PRO F 124 -15.90 31.16 3.41
CA PRO F 124 -16.40 30.77 4.73
C PRO F 124 -17.91 30.54 4.72
N ASN F 125 -18.54 30.80 3.58
CA ASN F 125 -19.97 30.61 3.45
C ASN F 125 -20.27 29.12 3.26
N GLU F 126 -20.46 28.43 4.39
CA GLU F 126 -20.77 27.01 4.37
C GLU F 126 -21.96 26.76 3.46
N ASP F 127 -23.02 27.53 3.69
CA ASP F 127 -24.26 27.44 2.91
C ASP F 127 -23.93 27.34 1.43
N GLU F 128 -22.98 28.18 1.01
CA GLU F 128 -22.53 28.21 -0.38
C GLU F 128 -21.96 26.82 -0.66
N LEU F 129 -20.90 26.49 0.08
CA LEU F 129 -20.22 25.20 -0.05
C LEU F 129 -21.09 24.03 -0.55
N LEU F 130 -22.22 23.84 0.12
CA LEU F 130 -23.12 22.77 -0.24
C LEU F 130 -23.49 22.81 -1.71
N GLU F 131 -23.80 24.00 -2.22
CA GLU F 131 -24.14 24.20 -3.64
C GLU F 131 -23.03 23.60 -4.53
N TYR F 132 -21.79 23.88 -4.18
CA TYR F 132 -20.66 23.36 -4.94
C TYR F 132 -20.81 21.85 -5.04
N LEU F 133 -20.88 21.21 -3.88
CA LEU F 133 -21.02 19.77 -3.79
C LEU F 133 -22.21 19.30 -4.62
N GLU F 134 -23.38 19.88 -4.36
CA GLU F 134 -24.60 19.54 -5.06
C GLU F 134 -24.37 19.52 -6.59
N GLY F 135 -23.31 20.19 -7.03
CA GLY F 135 -22.97 20.21 -8.44
C GLY F 135 -21.94 19.16 -8.75
N ARG F 136 -20.97 19.02 -7.83
CA ARG F 136 -19.88 18.05 -7.97
C ARG F 136 -20.33 16.68 -8.46
N ARG F 137 -21.49 16.23 -8.00
CA ARG F 137 -22.01 14.93 -8.43
C ARG F 137 -21.92 14.86 -9.94
N LYS F 138 -22.54 15.83 -10.62
CA LYS F 138 -22.54 15.90 -12.08
C LYS F 138 -21.11 15.72 -12.60
N ALA F 139 -20.15 16.34 -11.91
CA ALA F 139 -18.73 16.28 -12.27
C ALA F 139 -18.26 14.83 -12.21
N MET F 140 -18.56 14.18 -11.09
CA MET F 140 -18.16 12.79 -10.89
C MET F 140 -18.87 11.87 -11.88
N ALA F 141 -20.18 12.01 -11.96
CA ALA F 141 -20.99 11.21 -12.86
C ALA F 141 -20.35 11.14 -14.26
N LYS F 142 -19.70 12.24 -14.63
CA LYS F 142 -19.03 12.36 -15.93
C LYS F 142 -17.81 11.45 -15.99
N SER F 143 -16.90 11.62 -15.04
CA SER F 143 -15.68 10.80 -14.99
C SER F 143 -16.06 9.32 -14.96
N ILE F 144 -17.02 9.00 -14.09
CA ILE F 144 -17.55 7.65 -13.93
C ILE F 144 -17.87 7.06 -15.30
N ALA F 145 -18.66 7.79 -16.07
CA ALA F 145 -19.07 7.38 -17.40
C ALA F 145 -17.83 7.14 -18.26
N GLU F 146 -16.87 8.05 -18.17
CA GLU F 146 -15.64 7.95 -18.95
C GLU F 146 -14.93 6.63 -18.65
N CYS F 147 -14.74 6.35 -17.37
CA CYS F 147 -14.09 5.12 -16.96
C CYS F 147 -14.86 3.95 -17.54
N GLY F 148 -16.17 3.92 -17.28
CA GLY F 148 -17.01 2.84 -17.81
C GLY F 148 -16.66 2.60 -19.27
N GLN F 149 -16.64 3.70 -20.02
CA GLN F 149 -16.32 3.71 -21.43
C GLN F 149 -14.94 3.04 -21.63
N ASP F 150 -13.98 3.45 -20.79
CA ASP F 150 -12.63 2.94 -20.83
C ASP F 150 -12.52 1.42 -20.80
N ALA F 151 -13.40 0.78 -20.04
CA ALA F 151 -13.38 -0.67 -19.93
C ALA F 151 -14.64 -1.34 -20.48
N HIS F 152 -15.51 -0.55 -21.10
CA HIS F 152 -16.76 -1.09 -21.64
C HIS F 152 -17.61 -1.70 -20.53
N ALA F 153 -17.60 -1.00 -19.39
CA ALA F 153 -18.35 -1.41 -18.23
C ALA F 153 -19.68 -0.67 -18.27
N SER F 154 -20.74 -1.27 -17.73
CA SER F 154 -22.05 -0.64 -17.74
C SER F 154 -22.66 -0.78 -16.38
N PHE F 155 -23.02 0.34 -15.76
CA PHE F 155 -23.61 0.32 -14.43
C PHE F 155 -25.12 0.56 -14.46
N GLU F 156 -25.78 0.26 -13.36
CA GLU F 156 -27.23 0.46 -13.28
C GLU F 156 -27.55 1.58 -12.32
N SER F 157 -26.86 1.64 -11.19
CA SER F 157 -27.11 2.72 -10.26
C SER F 157 -25.78 3.37 -9.99
N SER F 158 -25.71 4.22 -8.97
CA SER F 158 -24.47 4.90 -8.63
C SER F 158 -24.88 5.80 -7.50
N TRP F 159 -24.20 5.65 -6.38
CA TRP F 159 -24.55 6.40 -5.18
C TRP F 159 -23.37 7.23 -4.76
N ILE F 160 -23.62 8.49 -4.41
CA ILE F 160 -22.54 9.38 -4.02
C ILE F 160 -22.89 10.22 -2.78
N GLY F 161 -21.93 10.36 -1.89
CA GLY F 161 -22.11 11.14 -0.67
C GLY F 161 -20.88 11.99 -0.43
N PHE F 162 -20.87 12.77 0.65
CA PHE F 162 -19.73 13.65 0.94
C PHE F 162 -19.56 13.81 2.43
N ALA F 163 -18.55 14.60 2.79
CA ALA F 163 -18.25 14.92 4.18
C ALA F 163 -17.45 16.23 4.10
N TYR F 164 -17.80 17.17 4.98
CA TYR F 164 -17.15 18.48 5.02
C TYR F 164 -17.05 19.02 6.43
N THR F 165 -16.30 20.11 6.54
CA THR F 165 -16.12 20.74 7.83
C THR F 165 -15.42 22.08 7.67
N MET F 166 -15.87 23.04 8.49
CA MET F 166 -15.31 24.39 8.51
C MET F 166 -14.25 24.42 9.61
N MET F 167 -13.01 24.74 9.27
CA MET F 167 -11.99 24.78 10.30
C MET F 167 -12.04 26.13 11.04
N GLU F 168 -11.85 26.10 12.36
CA GLU F 168 -11.83 27.34 13.12
C GLU F 168 -10.51 28.02 12.78
N PRO F 169 -10.40 29.35 12.99
CA PRO F 169 -9.13 30.01 12.68
C PRO F 169 -7.97 29.34 13.41
N GLY F 170 -6.99 28.89 12.64
CA GLY F 170 -5.84 28.20 13.19
C GLY F 170 -6.02 26.69 13.29
N GLN F 171 -7.08 26.17 12.69
CA GLN F 171 -7.35 24.74 12.73
C GLN F 171 -7.12 24.03 11.40
N ILE F 172 -6.39 22.93 11.46
CA ILE F 172 -6.11 22.13 10.27
C ILE F 172 -7.25 21.12 10.12
N GLY F 173 -7.75 20.99 8.90
CA GLY F 173 -8.83 20.05 8.63
C GLY F 173 -8.35 18.89 7.77
N ASN F 174 -8.93 17.71 7.99
CA ASN F 174 -8.57 16.53 7.25
C ASN F 174 -9.84 15.83 6.76
N ALA F 175 -10.09 15.86 5.46
CA ALA F 175 -11.28 15.24 4.90
C ALA F 175 -10.89 13.93 4.24
N ILE F 176 -11.57 12.85 4.62
CA ILE F 176 -11.28 11.53 4.10
C ILE F 176 -12.48 10.80 3.52
N THR F 177 -12.19 10.06 2.47
CA THR F 177 -13.16 9.26 1.76
C THR F 177 -12.48 7.90 1.82
N VAL F 178 -13.18 6.87 2.27
CA VAL F 178 -12.55 5.56 2.37
C VAL F 178 -13.49 4.36 2.36
N ALA F 179 -13.14 3.39 1.50
CA ALA F 179 -13.86 2.14 1.33
C ALA F 179 -12.97 1.07 1.93
N PRO F 180 -13.42 0.42 3.00
CA PRO F 180 -12.65 -0.64 3.67
C PRO F 180 -13.07 -2.00 3.12
N TYR F 181 -12.16 -2.96 3.18
CA TYR F 181 -12.47 -4.31 2.71
C TYR F 181 -12.24 -5.28 3.85
N VAL F 182 -13.33 -5.76 4.44
CA VAL F 182 -13.25 -6.66 5.57
C VAL F 182 -13.90 -8.02 5.42
N SER F 183 -13.80 -8.78 6.50
CA SER F 183 -14.38 -10.09 6.65
C SER F 183 -15.24 -9.90 7.89
N LEU F 184 -16.36 -10.59 7.98
CA LEU F 184 -17.26 -10.44 9.12
C LEU F 184 -17.04 -11.45 10.21
N PRO F 185 -17.17 -11.05 11.48
CA PRO F 185 -16.99 -11.94 12.64
C PRO F 185 -18.21 -12.81 12.81
N ILE F 186 -18.07 -13.88 13.56
CA ILE F 186 -19.20 -14.79 13.75
C ILE F 186 -20.38 -14.20 14.49
N ASP F 187 -20.14 -13.71 15.71
CA ASP F 187 -21.23 -13.18 16.51
C ASP F 187 -22.08 -12.08 15.88
N SER F 188 -21.59 -11.46 14.82
CA SER F 188 -22.36 -10.41 14.16
C SER F 188 -23.36 -11.04 13.22
N ILE F 189 -23.27 -12.34 13.04
CA ILE F 189 -24.18 -13.03 12.16
C ILE F 189 -25.06 -13.91 13.01
N PRO F 190 -26.37 -13.64 12.99
CA PRO F 190 -27.39 -14.38 13.74
C PRO F 190 -27.50 -15.83 13.27
N GLY F 191 -27.44 -16.75 14.21
CA GLY F 191 -27.54 -18.17 13.90
C GLY F 191 -26.48 -18.66 12.94
N GLY F 192 -25.29 -18.08 13.03
CA GLY F 192 -24.23 -18.50 12.15
C GLY F 192 -23.29 -19.42 12.90
N SER F 193 -22.28 -19.93 12.20
CA SER F 193 -21.33 -20.82 12.84
C SER F 193 -20.07 -20.91 12.03
N ILE F 194 -18.95 -20.97 12.72
CA ILE F 194 -17.64 -21.07 12.08
C ILE F 194 -17.59 -22.25 11.09
N LEU F 195 -18.51 -23.20 11.23
CA LEU F 195 -18.53 -24.37 10.39
C LEU F 195 -19.46 -24.26 9.21
N THR F 196 -20.14 -23.14 9.06
CA THR F 196 -21.08 -22.95 7.97
C THR F 196 -20.74 -21.70 7.23
N PRO F 197 -19.52 -21.61 6.70
CA PRO F 197 -19.08 -20.43 5.96
C PRO F 197 -20.04 -19.88 4.92
N ASP F 198 -20.38 -20.65 3.89
CA ASP F 198 -21.25 -20.13 2.84
C ASP F 198 -22.65 -19.80 3.31
N LYS F 199 -23.17 -20.56 4.28
CA LYS F 199 -24.50 -20.31 4.81
C LYS F 199 -24.50 -18.98 5.54
N ASP F 200 -23.43 -18.69 6.28
CA ASP F 200 -23.32 -17.46 7.04
C ASP F 200 -23.53 -16.20 6.18
N MET F 201 -23.03 -16.24 4.95
CA MET F 201 -23.19 -15.13 4.06
C MET F 201 -24.65 -15.04 3.65
N GLU F 202 -25.24 -16.16 3.24
CA GLU F 202 -26.64 -16.19 2.82
C GLU F 202 -27.53 -15.53 3.85
N ILE F 203 -27.19 -15.71 5.12
CA ILE F 203 -27.97 -15.11 6.16
C ILE F 203 -27.89 -13.60 5.99
N MET F 204 -26.68 -13.07 5.89
CA MET F 204 -26.49 -11.63 5.72
C MET F 204 -27.14 -11.13 4.43
N GLU F 205 -27.03 -11.90 3.36
CA GLU F 205 -27.64 -11.50 2.11
C GLU F 205 -29.13 -11.24 2.30
N ASN F 206 -29.76 -12.01 3.19
CA ASN F 206 -31.19 -11.91 3.43
C ASN F 206 -31.66 -10.94 4.49
N LEU F 207 -30.93 -10.87 5.59
CA LEU F 207 -31.30 -9.96 6.65
C LEU F 207 -31.24 -8.48 6.25
N THR F 208 -32.35 -7.76 6.41
CA THR F 208 -32.34 -6.33 6.09
C THR F 208 -31.74 -5.66 7.32
N MET F 209 -31.11 -4.51 7.11
CA MET F 209 -30.50 -3.77 8.21
C MET F 209 -31.42 -3.66 9.42
N PRO F 210 -32.70 -3.29 9.20
CA PRO F 210 -33.64 -3.18 10.33
C PRO F 210 -33.67 -4.48 11.12
N GLU F 211 -34.05 -5.57 10.45
CA GLU F 211 -34.14 -6.89 11.10
C GLU F 211 -32.89 -7.18 11.88
N TRP F 212 -31.75 -6.99 11.22
CA TRP F 212 -30.48 -7.27 11.85
C TRP F 212 -30.40 -6.64 13.22
N LEU F 213 -30.54 -5.32 13.28
CA LEU F 213 -30.47 -4.61 14.54
C LEU F 213 -31.38 -5.25 15.59
N GLU F 214 -32.60 -5.56 15.19
CA GLU F 214 -33.55 -6.16 16.13
C GLU F 214 -33.07 -7.52 16.60
N LYS F 215 -32.81 -8.40 15.64
CA LYS F 215 -32.35 -9.74 15.94
C LYS F 215 -31.06 -9.72 16.77
N MET F 216 -30.30 -8.62 16.68
CA MET F 216 -29.06 -8.47 17.42
C MET F 216 -29.24 -7.74 18.73
N GLY F 217 -30.35 -6.99 18.84
CA GLY F 217 -30.62 -6.23 20.05
C GLY F 217 -29.85 -4.92 20.01
N TYR F 218 -29.77 -4.33 18.82
CA TYR F 218 -29.06 -3.07 18.64
C TYR F 218 -30.06 -1.97 18.35
N LYS F 219 -29.90 -0.83 19.00
CA LYS F 219 -30.78 0.29 18.73
C LYS F 219 -30.24 0.95 17.46
N SER F 220 -31.12 1.44 16.59
CA SER F 220 -30.66 2.08 15.36
C SER F 220 -29.99 3.41 15.67
N LEU F 221 -28.72 3.54 15.35
CA LEU F 221 -28.02 4.78 15.63
C LEU F 221 -28.25 5.79 14.51
N SER F 222 -28.48 5.29 13.31
CA SER F 222 -28.73 6.15 12.17
C SER F 222 -30.07 6.83 12.40
N ALA F 223 -30.88 6.21 13.25
CA ALA F 223 -32.21 6.68 13.64
C ALA F 223 -32.87 7.42 12.46
N ASN F 224 -33.37 8.63 12.72
CA ASN F 224 -33.99 9.44 11.68
C ASN F 224 -32.99 10.54 11.45
N ASN F 225 -32.15 10.33 10.44
CA ASN F 225 -31.11 11.29 10.05
C ASN F 225 -30.18 11.76 11.18
N ALA F 226 -30.17 11.03 12.29
CA ALA F 226 -29.34 11.39 13.43
C ALA F 226 -27.87 11.62 13.08
N LEU F 227 -27.42 11.13 11.93
CA LEU F 227 -26.02 11.27 11.50
C LEU F 227 -25.67 12.28 10.41
N LYS F 228 -24.72 13.16 10.76
CA LYS F 228 -24.21 14.18 9.85
C LYS F 228 -22.72 13.88 9.66
N TYR F 229 -22.27 13.84 8.41
CA TYR F 229 -20.89 13.53 8.11
C TYR F 229 -20.04 14.74 7.76
N PVH G . 12.02 -1.46 -6.96
CA PVH G . 11.39 -0.17 -6.62
C PVH G . 10.85 0.47 -7.89
O PVH G . 11.60 0.59 -8.86
CB PVH G . 12.50 0.82 -6.21
CG PVH G . 13.47 0.33 -5.20
ND1 PVH G . 13.34 0.58 -3.85
CD2 PVH G . 14.69 -0.23 -5.34
CE1 PVH G . 14.43 0.22 -3.21
NE2 PVH G . 15.27 -0.28 -4.09
OXT PVH G . 9.74 1.28 -7.87
CM PVH G . 8.43 0.74 -7.52
N PVH H . 0.56 4.60 13.08
CA PVH H . 0.69 5.47 11.91
C PVH H . 2.14 5.90 11.85
O PVH H . 2.64 6.39 12.87
CB PVH H . -0.06 6.80 12.14
CG PVH H . -1.47 6.70 12.65
ND1 PVH H . -2.56 6.72 11.81
CD2 PVH H . -1.97 6.76 13.91
CE1 PVH H . -3.67 6.82 12.51
NE2 PVH H . -3.34 6.84 13.79
OXT PVH H . 2.78 6.13 10.66
CM PVH H . 2.90 5.08 9.66
N PVH I . -11.37 3.06 -7.32
CA PVH I . -10.30 4.01 -7.05
C PVH I . -10.79 5.07 -6.09
O PVH I . -11.84 5.65 -6.37
CB PVH I . -10.05 4.83 -8.32
CG PVH I . -9.87 4.06 -9.59
ND1 PVH I . -8.63 3.72 -10.09
CD2 PVH I . -10.75 3.75 -10.57
CE1 PVH I . -8.75 3.26 -11.32
NE2 PVH I . -10.03 3.27 -11.64
OXT PVH I . -9.91 5.71 -5.22
CM PVH I . -9.25 4.95 -4.15
#